data_6KA7
#
_entry.id   6KA7
#
_cell.length_a   59.926
_cell.length_b   107.420
_cell.length_c   171.350
_cell.angle_alpha   90.000
_cell.angle_beta   90.000
_cell.angle_gamma   90.000
#
_symmetry.space_group_name_H-M   'P 21 21 21'
#
loop_
_entity.id
_entity.type
_entity.pdbx_description
1 polymer repebody
2 polymer 'Immunoglobulin gamma-1 heavy chain'
3 branched 2-acetamido-2-deoxy-beta-D-glucopyranose-(1-2)-alpha-D-mannopyranose-(1-3)-[2-acetamido-2-deoxy-beta-D-glucopyranose-(1-2)-alpha-D-mannopyranose-(1-6)]beta-D-mannopyranose-(1-4)-2-acetamido-2-deoxy-beta-D-glucopyranose-(1-4)-[alpha-L-fucopyranose-(1-6)]2-acetamido-2-deoxy-beta-D-glucopyranose
4 water water
#
loop_
_entity_poly.entity_id
_entity_poly.type
_entity_poly.pdbx_seq_one_letter_code
_entity_poly.pdbx_strand_id
1 'polypeptide(L)'
;TPIKQIFPDDAFAETIKANLKKKSVTDAVTQNELNSIDQIIANNSDIKSVQGIQYLPNVRYLALGGNKLHDISALKELTN
LTYLELKWNQLQILPNGVFDKLTNLKELVLNSNQLQSLPDGVFDKLTNLTYLNLAHNQLQSLPDGVFDKLTNLTGLELCG
NQLQSLPEGVFDKLTQLKDLRLYQNQLKSVPDGVFDRLTSLQYIWLHDNPWDCTCPGIRYLSEWINKHSGVVRNSAGSVA
PDSAKCSGSGKPVRSI
;
A,B
2 'polypeptide(L)'
;PSVFLFPPKPKDTLMISRTPEVTCVVVDVSHEDPEVKFNWYVDGVEVHNAKTKPREEQYNSTYRVVSVLTVLHQDWLNGK
EYKCKVSNKALPAPIEKTISKAKGQPREPQVYTLPPSRDELTKNQVSLTCLVKGFYPSDIAVEWESNGQPENNYKTTPPV
LDSDGSFFLYSKLTVDKSRWQQGNVFSCSVMHEALHNHYTQKSLSLSP
;
C,D
#
# COMPACT_ATOMS: atom_id res chain seq x y z
N THR A 1 -16.75 -38.25 3.94
CA THR A 1 -17.56 -37.57 4.95
C THR A 1 -17.74 -36.09 4.65
N PRO A 2 -18.90 -35.55 5.02
CA PRO A 2 -19.19 -34.13 4.78
C PRO A 2 -18.51 -33.26 5.83
N ILE A 3 -18.66 -31.94 5.65
CA ILE A 3 -18.10 -30.99 6.60
C ILE A 3 -18.73 -31.17 7.96
N LYS A 4 -20.07 -31.37 7.98
CA LYS A 4 -20.83 -31.47 9.23
C LYS A 4 -20.48 -32.70 10.05
N GLN A 5 -20.02 -33.77 9.39
CA GLN A 5 -19.92 -35.08 10.03
C GLN A 5 -18.63 -35.27 10.83
N ILE A 6 -17.55 -34.60 10.45
CA ILE A 6 -16.29 -34.81 11.12
C ILE A 6 -16.11 -33.90 12.34
N PHE A 7 -16.81 -32.77 12.38
CA PHE A 7 -16.57 -31.73 13.37
C PHE A 7 -17.91 -31.28 13.97
N PRO A 8 -18.24 -31.73 15.19
CA PRO A 8 -19.55 -31.37 15.79
C PRO A 8 -19.66 -29.92 16.24
N ASP A 9 -18.55 -29.20 16.30
CA ASP A 9 -18.53 -27.80 16.69
C ASP A 9 -18.87 -26.93 15.48
N ASP A 10 -20.01 -26.21 15.56
CA ASP A 10 -20.46 -25.32 14.48
C ASP A 10 -19.31 -24.48 13.94
N ALA A 11 -18.69 -23.70 14.82
CA ALA A 11 -17.63 -22.79 14.41
C ALA A 11 -16.46 -23.54 13.81
N PHE A 12 -16.12 -24.72 14.37
CA PHE A 12 -14.95 -25.45 13.86
C PHE A 12 -15.22 -26.05 12.48
N ALA A 13 -16.48 -26.38 12.17
CA ALA A 13 -16.81 -26.72 10.80
C ALA A 13 -16.62 -25.53 9.89
N GLU A 14 -17.04 -24.34 10.36
CA GLU A 14 -16.99 -23.14 9.53
C GLU A 14 -15.55 -22.76 9.16
N THR A 15 -14.58 -23.17 10.00
CA THR A 15 -13.19 -22.82 9.70
C THR A 15 -12.52 -23.86 8.81
N ILE A 16 -12.95 -25.13 8.90
CA ILE A 16 -12.44 -26.11 7.96
C ILE A 16 -13.14 -25.95 6.61
N LYS A 17 -14.38 -25.42 6.60
CA LYS A 17 -15.04 -25.05 5.35
C LYS A 17 -14.38 -23.85 4.68
N ALA A 18 -13.81 -22.93 5.47
CA ALA A 18 -13.12 -21.78 4.92
C ALA A 18 -11.70 -22.12 4.46
N ASN A 19 -10.99 -23.00 5.18
CA ASN A 19 -9.62 -23.31 4.79
C ASN A 19 -9.57 -23.98 3.43
N LEU A 20 -10.37 -25.04 3.25
CA LEU A 20 -10.32 -25.79 2.00
C LEU A 20 -11.18 -25.17 0.89
N LYS A 21 -11.98 -24.16 1.23
CA LYS A 21 -12.82 -23.38 0.32
C LYS A 21 -14.00 -24.18 -0.23
N VAL A 29 -14.98 -34.48 3.40
CA VAL A 29 -13.98 -34.31 2.37
C VAL A 29 -13.08 -35.51 2.37
N THR A 30 -12.23 -35.63 1.36
CA THR A 30 -11.33 -36.77 1.25
C THR A 30 -10.24 -36.71 2.33
N GLN A 31 -9.80 -37.89 2.78
CA GLN A 31 -8.71 -37.93 3.76
C GLN A 31 -7.42 -37.38 3.18
N ASN A 32 -7.21 -37.60 1.87
CA ASN A 32 -6.11 -36.93 1.17
C ASN A 32 -6.29 -35.41 1.20
N GLU A 33 -7.54 -34.94 1.07
CA GLU A 33 -7.80 -33.53 1.33
C GLU A 33 -7.43 -33.15 2.76
N LEU A 34 -7.98 -33.88 3.75
CA LEU A 34 -7.69 -33.57 5.16
C LEU A 34 -6.21 -33.69 5.48
N ASN A 35 -5.50 -34.58 4.79
CA ASN A 35 -4.05 -34.66 4.99
C ASN A 35 -3.29 -33.59 4.21
N SER A 36 -3.97 -32.64 3.58
CA SER A 36 -3.32 -31.53 2.88
C SER A 36 -3.24 -30.27 3.74
N ILE A 37 -3.68 -30.34 4.98
CA ILE A 37 -3.86 -29.17 5.83
C ILE A 37 -2.61 -29.00 6.69
N ASP A 38 -1.86 -27.93 6.42
CA ASP A 38 -0.63 -27.65 7.16
C ASP A 38 -0.81 -26.61 8.27
N GLN A 39 -1.79 -25.72 8.14
CA GLN A 39 -2.01 -24.75 9.21
C GLN A 39 -3.50 -24.43 9.29
N ILE A 40 -3.93 -24.00 10.47
CA ILE A 40 -5.33 -23.65 10.72
C ILE A 40 -5.37 -22.34 11.49
N ILE A 41 -6.05 -21.34 10.95
CA ILE A 41 -6.12 -20.04 11.59
C ILE A 41 -7.56 -19.82 12.01
N ALA A 42 -7.85 -19.97 13.30
CA ALA A 42 -9.23 -19.97 13.75
C ALA A 42 -9.31 -19.32 15.13
N ASN A 43 -8.86 -18.07 15.23
CA ASN A 43 -8.86 -17.29 16.47
C ASN A 43 -10.11 -16.42 16.56
N ASN A 44 -10.48 -16.08 17.80
CA ASN A 44 -11.72 -15.38 18.12
C ASN A 44 -12.87 -15.86 17.22
N SER A 45 -13.02 -17.16 17.13
CA SER A 45 -14.02 -17.74 16.25
C SER A 45 -15.14 -18.46 17.00
N ASP A 46 -15.24 -18.25 18.33
CA ASP A 46 -16.34 -18.77 19.17
C ASP A 46 -16.38 -20.31 19.14
N ILE A 47 -15.26 -20.91 19.55
CA ILE A 47 -15.06 -22.34 19.36
C ILE A 47 -15.01 -23.04 20.71
N LYS A 48 -15.72 -24.17 20.81
CA LYS A 48 -15.98 -24.90 22.05
C LYS A 48 -15.20 -26.21 22.19
N SER A 49 -15.06 -26.99 21.12
CA SER A 49 -14.32 -28.24 21.14
C SER A 49 -13.73 -28.48 19.77
N VAL A 50 -12.50 -29.02 19.72
CA VAL A 50 -11.87 -29.29 18.43
C VAL A 50 -11.98 -30.76 18.05
N GLN A 51 -13.15 -31.37 18.30
CA GLN A 51 -13.36 -32.79 18.00
C GLN A 51 -13.28 -33.04 16.50
N GLY A 52 -12.32 -33.85 16.09
CA GLY A 52 -12.05 -34.08 14.68
C GLY A 52 -10.69 -33.61 14.26
N ILE A 53 -10.02 -32.79 15.08
CA ILE A 53 -8.68 -32.30 14.77
C ILE A 53 -7.62 -33.38 14.78
N GLN A 54 -7.98 -34.64 15.00
CA GLN A 54 -6.99 -35.71 15.05
C GLN A 54 -6.66 -36.32 13.68
N TYR A 55 -7.50 -36.06 12.67
CA TYR A 55 -7.36 -36.56 11.31
C TYR A 55 -6.51 -35.67 10.41
N LEU A 56 -5.91 -34.62 10.96
CA LEU A 56 -5.07 -33.71 10.19
C LEU A 56 -3.67 -33.77 10.79
N PRO A 57 -2.95 -34.86 10.57
CA PRO A 57 -1.69 -35.07 11.31
C PRO A 57 -0.53 -34.21 10.85
N ASN A 58 -0.61 -33.67 9.62
CA ASN A 58 0.43 -32.83 9.04
C ASN A 58 0.24 -31.33 9.31
N VAL A 59 -0.75 -30.93 10.12
CA VAL A 59 -0.88 -29.54 10.51
C VAL A 59 0.34 -29.11 11.31
N ARG A 60 0.92 -27.96 10.96
CA ARG A 60 2.10 -27.45 11.66
C ARG A 60 1.84 -26.14 12.41
N TYR A 61 0.88 -25.35 12.00
CA TYR A 61 0.58 -24.06 12.60
C TYR A 61 -0.88 -24.05 13.03
N LEU A 62 -1.13 -23.62 14.27
CA LEU A 62 -2.45 -23.76 14.87
C LEU A 62 -2.76 -22.50 15.67
N ALA A 63 -3.66 -21.67 15.15
CA ALA A 63 -4.08 -20.43 15.81
C ALA A 63 -5.45 -20.63 16.46
N LEU A 64 -5.46 -20.88 17.77
CA LEU A 64 -6.69 -21.18 18.47
C LEU A 64 -6.96 -20.21 19.62
N GLY A 65 -6.32 -19.05 19.63
CA GLY A 65 -6.55 -18.09 20.70
C GLY A 65 -7.93 -17.45 20.61
N GLY A 66 -8.41 -16.98 21.76
CA GLY A 66 -9.65 -16.23 21.81
C GLY A 66 -10.91 -17.06 21.67
N ASN A 67 -10.84 -18.34 21.99
CA ASN A 67 -11.92 -19.32 21.88
C ASN A 67 -12.23 -19.84 23.27
N LYS A 68 -13.14 -20.80 23.35
CA LYS A 68 -13.61 -21.29 24.64
C LYS A 68 -13.29 -22.76 24.82
N LEU A 69 -12.02 -23.13 24.74
CA LEU A 69 -11.68 -24.52 24.86
C LEU A 69 -11.55 -24.91 26.32
N HIS A 70 -12.10 -26.08 26.65
CA HIS A 70 -11.90 -26.75 27.92
C HIS A 70 -10.91 -27.90 27.82
N ASP A 71 -11.07 -28.77 26.84
CA ASP A 71 -10.21 -29.94 26.66
C ASP A 71 -9.49 -29.85 25.33
N ILE A 72 -8.18 -30.08 25.37
CA ILE A 72 -7.34 -30.09 24.18
C ILE A 72 -6.92 -31.52 23.91
N SER A 73 -7.76 -32.47 24.32
CA SER A 73 -7.31 -33.85 24.29
C SER A 73 -7.04 -34.31 22.87
N ALA A 74 -7.77 -33.75 21.91
CA ALA A 74 -7.69 -34.21 20.54
C ALA A 74 -6.38 -33.79 19.85
N LEU A 75 -5.54 -32.98 20.49
CA LEU A 75 -4.25 -32.59 19.92
C LEU A 75 -3.10 -33.48 20.36
N LYS A 76 -3.36 -34.51 21.16
CA LYS A 76 -2.29 -35.30 21.76
C LYS A 76 -1.33 -35.86 20.73
N GLU A 77 -1.84 -36.22 19.55
CA GLU A 77 -1.05 -36.94 18.58
C GLU A 77 -0.55 -36.09 17.43
N LEU A 78 -1.20 -34.95 17.13
CA LEU A 78 -0.72 -34.04 16.10
C LEU A 78 0.76 -33.78 16.28
N THR A 79 1.60 -34.64 15.73
CA THR A 79 3.03 -34.68 16.02
C THR A 79 3.84 -33.71 15.18
N ASN A 80 3.25 -33.12 14.14
CA ASN A 80 3.93 -32.17 13.28
C ASN A 80 3.69 -30.70 13.67
N LEU A 81 3.13 -30.45 14.85
CA LEU A 81 2.88 -29.09 15.31
C LEU A 81 4.16 -28.42 15.76
N THR A 82 4.24 -27.10 15.57
CA THR A 82 5.41 -26.33 15.99
C THR A 82 5.04 -24.99 16.65
N TYR A 83 3.95 -24.37 16.18
CA TYR A 83 3.34 -23.23 16.85
C TYR A 83 1.98 -23.66 17.40
N LEU A 84 1.76 -23.41 18.70
CA LEU A 84 0.48 -23.70 19.36
C LEU A 84 0.04 -22.49 20.16
N GLU A 85 -1.02 -21.83 19.69
CA GLU A 85 -1.48 -20.60 20.33
C GLU A 85 -2.87 -20.85 20.89
N LEU A 86 -2.96 -21.03 22.22
CA LEU A 86 -4.23 -21.26 22.89
C LEU A 86 -4.54 -20.16 23.90
N LYS A 87 -4.08 -18.94 23.61
CA LYS A 87 -4.29 -17.80 24.49
C LYS A 87 -5.79 -17.50 24.62
N TRP A 88 -6.18 -17.08 25.82
CA TRP A 88 -7.56 -16.79 26.16
C TRP A 88 -8.50 -17.91 25.74
N ASN A 89 -8.50 -19.01 26.49
CA ASN A 89 -9.57 -19.99 26.37
C ASN A 89 -10.07 -20.27 27.76
N GLN A 90 -10.67 -21.44 27.95
CA GLN A 90 -11.26 -21.77 29.25
C GLN A 90 -10.60 -22.98 29.88
N LEU A 91 -9.35 -23.26 29.52
CA LEU A 91 -8.64 -24.37 30.15
C LEU A 91 -8.49 -24.14 31.65
N GLN A 92 -8.72 -25.21 32.43
CA GLN A 92 -8.82 -25.14 33.89
C GLN A 92 -7.67 -25.84 34.63
N ILE A 93 -7.29 -27.03 34.19
CA ILE A 93 -6.07 -27.68 34.65
C ILE A 93 -5.46 -28.38 33.44
N LEU A 94 -4.18 -28.70 33.55
CA LEU A 94 -3.49 -29.23 32.39
C LEU A 94 -3.34 -30.74 32.52
N PRO A 95 -4.03 -31.52 31.68
CA PRO A 95 -3.85 -32.97 31.70
C PRO A 95 -2.39 -33.33 31.49
N ASN A 96 -1.94 -34.37 32.20
CA ASN A 96 -0.53 -34.75 32.21
C ASN A 96 -0.15 -35.53 30.96
N GLY A 97 1.06 -35.27 30.46
CA GLY A 97 1.51 -35.94 29.28
C GLY A 97 0.89 -35.49 27.98
N VAL A 98 -0.03 -34.50 28.02
CA VAL A 98 -0.74 -34.07 26.81
C VAL A 98 0.20 -33.41 25.81
N PHE A 99 1.29 -32.81 26.27
CA PHE A 99 2.29 -32.20 25.40
C PHE A 99 3.43 -33.14 25.08
N ASP A 100 3.40 -34.36 25.60
CA ASP A 100 4.58 -35.19 25.50
C ASP A 100 4.87 -35.56 24.05
N LYS A 101 3.83 -35.60 23.21
CA LYS A 101 3.96 -36.05 21.82
C LYS A 101 4.24 -34.91 20.84
N LEU A 102 4.06 -33.66 21.23
CA LEU A 102 4.32 -32.50 20.39
C LEU A 102 5.79 -32.09 20.42
N THR A 103 6.68 -33.02 20.10
CA THR A 103 8.12 -32.78 20.27
C THR A 103 8.71 -31.84 19.22
N ASN A 104 7.92 -31.37 18.25
CA ASN A 104 8.39 -30.38 17.30
C ASN A 104 7.97 -28.94 17.65
N LEU A 105 7.10 -28.74 18.64
CA LEU A 105 6.79 -27.39 19.11
C LEU A 105 8.02 -26.53 19.30
N LYS A 106 7.95 -25.29 18.81
CA LYS A 106 8.90 -24.25 19.18
C LYS A 106 8.27 -23.17 20.05
N GLU A 107 6.96 -22.95 19.98
CA GLU A 107 6.31 -21.86 20.71
C GLU A 107 4.94 -22.32 21.20
N LEU A 108 4.66 -22.09 22.48
CA LEU A 108 3.46 -22.55 23.16
C LEU A 108 2.87 -21.38 23.92
N VAL A 109 1.63 -20.99 23.59
CA VAL A 109 1.05 -19.79 24.20
C VAL A 109 -0.22 -20.19 24.94
N LEU A 110 -0.12 -20.27 26.29
CA LEU A 110 -1.25 -20.60 27.16
C LEU A 110 -1.69 -19.35 27.92
N ASN A 111 -1.77 -18.26 27.19
CA ASN A 111 -1.93 -16.93 27.76
C ASN A 111 -3.36 -16.77 28.27
N SER A 112 -3.51 -16.37 29.54
CA SER A 112 -4.82 -15.96 30.07
C SER A 112 -5.89 -17.06 29.94
N ASN A 113 -5.60 -18.18 30.58
CA ASN A 113 -6.64 -19.17 30.71
C ASN A 113 -7.12 -19.15 32.15
N GLN A 114 -7.46 -20.31 32.69
CA GLN A 114 -7.86 -20.38 34.08
C GLN A 114 -7.06 -21.48 34.79
N LEU A 115 -5.82 -21.70 34.35
CA LEU A 115 -5.06 -22.86 34.81
C LEU A 115 -4.63 -22.71 36.26
N GLN A 116 -4.99 -23.70 37.08
CA GLN A 116 -4.78 -23.69 38.53
C GLN A 116 -3.42 -24.23 38.94
N SER A 117 -2.83 -25.10 38.15
CA SER A 117 -1.53 -25.68 38.49
C SER A 117 -0.98 -26.39 37.26
N LEU A 118 0.30 -26.73 37.35
CA LEU A 118 1.03 -27.45 36.30
C LEU A 118 1.49 -28.80 36.81
N PRO A 119 1.17 -29.90 36.13
CA PRO A 119 1.68 -31.20 36.59
C PRO A 119 3.19 -31.29 36.41
N ASP A 120 3.81 -32.16 37.23
CA ASP A 120 5.27 -32.33 37.19
C ASP A 120 5.69 -32.92 35.85
N GLY A 121 6.45 -32.14 35.09
CA GLY A 121 7.08 -32.65 33.89
C GLY A 121 6.20 -32.69 32.67
N VAL A 122 5.19 -31.82 32.61
CA VAL A 122 4.29 -31.78 31.46
C VAL A 122 4.99 -31.21 30.23
N PHE A 123 5.98 -30.35 30.44
CA PHE A 123 6.76 -29.76 29.36
C PHE A 123 7.98 -30.57 28.97
N ASP A 124 8.28 -31.66 29.67
CA ASP A 124 9.60 -32.25 29.58
C ASP A 124 9.87 -32.93 28.25
N LYS A 125 8.83 -33.17 27.45
CA LYS A 125 9.02 -33.67 26.10
C LYS A 125 8.96 -32.54 25.05
N LEU A 126 9.27 -31.31 25.46
CA LEU A 126 9.33 -30.16 24.56
C LEU A 126 10.71 -29.52 24.55
N THR A 127 11.74 -30.31 24.29
CA THR A 127 13.11 -29.82 24.26
C THR A 127 13.37 -28.78 23.16
N ASN A 128 12.47 -28.65 22.19
CA ASN A 128 12.67 -27.73 21.08
C ASN A 128 11.98 -26.39 21.30
N LEU A 129 11.49 -26.12 22.49
CA LEU A 129 10.71 -24.91 22.71
C LEU A 129 11.65 -23.72 22.89
N THR A 130 11.27 -22.60 22.27
CA THR A 130 11.94 -21.32 22.41
C THR A 130 11.06 -20.30 23.08
N TYR A 131 9.75 -20.50 23.04
CA TYR A 131 8.82 -19.54 23.57
C TYR A 131 7.67 -20.23 24.30
N LEU A 132 7.45 -19.78 25.54
CA LEU A 132 6.44 -20.34 26.43
C LEU A 132 5.76 -19.17 27.10
N ASN A 133 4.45 -19.02 26.85
CA ASN A 133 3.69 -17.95 27.48
C ASN A 133 2.65 -18.55 28.42
N LEU A 134 2.89 -18.37 29.72
CA LEU A 134 1.97 -18.76 30.79
C LEU A 134 1.45 -17.55 31.57
N ALA A 135 1.51 -16.36 30.97
CA ALA A 135 1.25 -15.15 31.75
C ALA A 135 -0.24 -14.95 31.99
N HIS A 136 -0.54 -14.36 33.16
CA HIS A 136 -1.89 -13.98 33.57
C HIS A 136 -2.82 -15.21 33.52
N ASN A 137 -2.38 -16.26 34.21
CA ASN A 137 -3.23 -17.39 34.57
C ASN A 137 -3.55 -17.31 36.06
N GLN A 138 -3.62 -18.47 36.71
CA GLN A 138 -3.86 -18.56 38.14
C GLN A 138 -2.96 -19.69 38.64
N LEU A 139 -1.66 -19.44 38.61
CA LEU A 139 -0.67 -20.38 39.14
C LEU A 139 -0.21 -19.89 40.50
N GLN A 140 -0.15 -20.82 41.48
CA GLN A 140 0.35 -20.51 42.80
C GLN A 140 1.78 -20.98 43.03
N SER A 141 2.23 -21.97 42.27
CA SER A 141 3.55 -22.57 42.45
C SER A 141 3.88 -23.39 41.20
N LEU A 142 5.13 -23.79 41.09
CA LEU A 142 5.62 -24.44 39.88
C LEU A 142 6.31 -25.76 40.18
N PRO A 143 5.98 -26.84 39.48
CA PRO A 143 6.67 -28.11 39.69
C PRO A 143 8.18 -27.92 39.77
N ASP A 144 8.81 -28.67 40.65
CA ASP A 144 10.25 -28.50 40.84
C ASP A 144 10.98 -28.86 39.57
N GLY A 145 11.95 -28.02 39.21
CA GLY A 145 12.53 -28.09 37.89
C GLY A 145 11.47 -28.51 36.89
N VAL A 146 10.52 -27.65 36.60
CA VAL A 146 9.70 -27.94 35.43
C VAL A 146 10.43 -27.43 34.21
N PHE A 147 11.18 -26.34 34.35
CA PHE A 147 11.90 -25.71 33.25
C PHE A 147 13.34 -26.20 33.21
N ASP A 148 13.47 -27.49 33.07
CA ASP A 148 14.79 -28.08 33.01
C ASP A 148 15.04 -28.92 31.76
N LYS A 149 14.01 -29.51 31.16
CA LYS A 149 14.12 -30.11 29.84
C LYS A 149 14.00 -29.08 28.71
N LEU A 150 13.78 -27.80 29.06
CA LEU A 150 13.49 -26.72 28.09
C LEU A 150 14.74 -25.85 27.82
N THR A 151 15.75 -26.51 27.27
CA THR A 151 17.08 -25.92 27.18
C THR A 151 17.17 -24.83 26.11
N ASN A 152 16.33 -24.90 25.08
CA ASN A 152 16.35 -23.96 23.97
C ASN A 152 15.42 -22.77 24.18
N LEU A 153 15.04 -22.49 25.42
CA LEU A 153 13.97 -21.54 25.70
C LEU A 153 14.55 -20.14 25.69
N THR A 154 14.10 -19.33 24.73
CA THR A 154 14.55 -17.94 24.61
C THR A 154 13.70 -16.96 25.41
N GLY A 155 12.36 -17.14 25.43
CA GLY A 155 11.53 -16.31 26.30
C GLY A 155 10.55 -17.07 27.17
N LEU A 156 10.43 -16.67 28.43
CA LEU A 156 9.56 -17.31 29.43
C LEU A 156 8.72 -16.23 30.08
N GLU A 157 7.41 -16.27 29.88
CA GLU A 157 6.54 -15.27 30.47
C GLU A 157 5.65 -15.89 31.54
N LEU A 158 5.62 -15.28 32.72
CA LEU A 158 4.86 -15.80 33.84
C LEU A 158 4.03 -14.72 34.53
N CYS A 159 4.03 -13.50 33.99
CA CYS A 159 3.51 -12.35 34.69
C CYS A 159 2.00 -12.46 34.90
N GLY A 160 1.51 -11.79 35.94
CA GLY A 160 0.09 -11.72 36.23
C GLY A 160 -0.49 -12.90 36.98
N ASN A 161 0.34 -13.83 37.41
CA ASN A 161 -0.15 -14.94 38.20
C ASN A 161 -0.17 -14.55 39.67
N GLN A 162 -0.48 -15.54 40.52
CA GLN A 162 -0.41 -15.42 41.97
C GLN A 162 0.73 -16.30 42.51
N LEU A 163 1.89 -16.26 41.85
CA LEU A 163 3.00 -17.11 42.25
C LEU A 163 3.48 -16.79 43.65
N GLN A 164 3.32 -17.77 44.54
CA GLN A 164 3.69 -17.55 45.94
C GLN A 164 5.20 -17.57 46.14
N SER A 165 5.91 -18.40 45.36
CA SER A 165 7.33 -18.62 45.55
C SER A 165 7.86 -19.40 44.36
N LEU A 166 9.18 -19.36 44.17
CA LEU A 166 9.79 -20.04 43.04
C LEU A 166 10.67 -21.18 43.49
N PRO A 167 10.55 -22.37 42.89
CA PRO A 167 11.49 -23.45 43.20
C PRO A 167 12.95 -23.02 43.07
N GLU A 168 13.82 -23.61 43.88
CA GLU A 168 15.24 -23.30 43.77
C GLU A 168 15.80 -23.94 42.52
N GLY A 169 16.67 -23.19 41.85
CA GLY A 169 17.17 -23.59 40.54
C GLY A 169 16.09 -23.96 39.54
N VAL A 170 14.87 -23.45 39.72
CA VAL A 170 13.77 -23.77 38.81
C VAL A 170 14.13 -23.35 37.39
N PHE A 171 14.97 -22.33 37.25
CA PHE A 171 15.48 -21.86 35.97
C PHE A 171 16.86 -22.42 35.66
N ASP A 172 17.11 -23.69 35.96
CA ASP A 172 18.42 -24.32 35.84
C ASP A 172 18.95 -24.42 34.41
N LYS A 173 18.29 -25.20 33.57
CA LYS A 173 18.77 -25.49 32.23
C LYS A 173 18.31 -24.42 31.24
N LEU A 174 18.14 -23.18 31.69
CA LEU A 174 17.69 -22.12 30.77
C LEU A 174 18.81 -21.11 30.47
N THR A 175 19.89 -21.59 29.84
CA THR A 175 20.98 -20.70 29.48
C THR A 175 20.59 -19.80 28.32
N GLN A 176 19.84 -20.33 27.35
CA GLN A 176 19.48 -19.54 26.20
C GLN A 176 18.39 -18.51 26.50
N LEU A 177 17.89 -18.45 27.73
CA LEU A 177 16.83 -17.51 28.04
C LEU A 177 17.33 -16.09 27.86
N LYS A 178 16.59 -15.29 27.09
CA LYS A 178 16.91 -13.87 26.95
C LYS A 178 15.85 -12.96 27.56
N ASP A 179 14.60 -13.41 27.69
CA ASP A 179 13.49 -12.63 28.22
C ASP A 179 12.77 -13.48 29.28
N LEU A 180 12.80 -13.00 30.53
CA LEU A 180 12.07 -13.60 31.66
C LEU A 180 11.13 -12.56 32.29
N ARG A 181 9.84 -12.88 32.35
CA ARG A 181 8.81 -11.95 32.83
C ARG A 181 8.17 -12.50 34.10
N LEU A 182 8.22 -11.71 35.19
CA LEU A 182 7.72 -12.14 36.49
C LEU A 182 6.84 -11.11 37.19
N TYR A 183 6.59 -9.95 36.58
CA TYR A 183 5.89 -8.87 37.27
C TYR A 183 4.43 -9.23 37.53
N GLN A 184 3.86 -8.54 38.52
CA GLN A 184 2.47 -8.73 38.91
C GLN A 184 2.27 -10.15 39.47
N ASN A 185 3.08 -10.48 40.44
CA ASN A 185 3.00 -11.74 41.13
C ASN A 185 3.05 -11.53 42.63
N GLN A 186 2.69 -12.58 43.36
CA GLN A 186 2.70 -12.52 44.82
C GLN A 186 4.01 -13.11 45.33
N LEU A 187 5.12 -12.51 44.89
CA LEU A 187 6.46 -13.00 45.21
C LEU A 187 7.04 -12.24 46.40
N LYS A 188 7.45 -13.00 47.42
CA LYS A 188 8.09 -12.43 48.59
C LYS A 188 9.60 -12.49 48.53
N SER A 189 10.18 -13.45 47.81
CA SER A 189 11.62 -13.71 47.77
C SER A 189 11.95 -14.68 46.63
N VAL A 190 13.22 -14.74 46.26
CA VAL A 190 13.64 -15.74 45.26
C VAL A 190 14.78 -16.60 45.79
N PRO A 191 14.78 -17.89 45.43
CA PRO A 191 15.95 -18.73 45.73
C PRO A 191 17.27 -18.05 45.39
N ASP A 192 18.26 -18.24 46.27
CA ASP A 192 19.62 -17.78 46.01
C ASP A 192 20.21 -18.58 44.85
N GLY A 193 20.70 -17.86 43.85
CA GLY A 193 21.18 -18.52 42.65
C GLY A 193 20.08 -19.08 41.79
N VAL A 194 18.92 -18.42 41.74
CA VAL A 194 17.88 -18.84 40.81
C VAL A 194 18.20 -18.28 39.44
N PHE A 195 18.81 -17.10 39.40
CA PHE A 195 19.10 -16.37 38.18
C PHE A 195 20.57 -16.43 37.76
N ASP A 196 21.43 -17.14 38.50
CA ASP A 196 22.89 -17.00 38.32
C ASP A 196 23.38 -17.72 37.08
N ARG A 197 22.61 -18.67 36.59
CA ARG A 197 22.88 -19.45 35.40
C ARG A 197 22.23 -18.88 34.15
N LEU A 198 21.21 -18.00 34.32
CA LEU A 198 20.54 -17.33 33.21
C LEU A 198 21.50 -16.40 32.49
N THR A 199 22.28 -17.00 31.60
CA THR A 199 23.46 -16.34 31.02
C THR A 199 23.07 -15.39 29.89
N SER A 200 22.22 -15.84 28.97
CA SER A 200 21.83 -15.01 27.84
C SER A 200 20.74 -13.97 28.20
N LEU A 201 20.37 -13.85 29.48
CA LEU A 201 19.21 -13.07 29.86
C LEU A 201 19.46 -11.59 29.60
N GLN A 202 18.63 -10.98 28.74
CA GLN A 202 18.72 -9.57 28.43
C GLN A 202 17.55 -8.73 28.93
N TYR A 203 16.40 -9.34 29.24
CA TYR A 203 15.26 -8.61 29.78
C TYR A 203 14.66 -9.43 30.92
N ILE A 204 14.61 -8.83 32.11
CA ILE A 204 13.93 -9.42 33.26
C ILE A 204 12.91 -8.42 33.78
N TRP A 205 11.74 -8.93 34.17
CA TRP A 205 10.63 -8.10 34.63
C TRP A 205 10.23 -8.47 36.06
N LEU A 206 10.43 -7.51 37.02
CA LEU A 206 10.30 -7.80 38.45
C LEU A 206 9.45 -6.81 39.26
N HIS A 207 8.96 -5.73 38.67
CA HIS A 207 8.13 -4.77 39.37
C HIS A 207 6.81 -5.41 39.84
N ASP A 208 6.09 -4.68 40.69
CA ASP A 208 4.78 -5.11 41.18
C ASP A 208 4.87 -6.48 41.82
N ASN A 209 5.75 -6.57 42.81
CA ASN A 209 5.87 -7.74 43.64
C ASN A 209 6.11 -7.26 45.07
N PRO A 210 5.52 -7.95 46.05
CA PRO A 210 5.70 -7.56 47.46
C PRO A 210 7.03 -8.10 47.97
N TRP A 211 8.09 -7.38 47.62
CA TRP A 211 9.44 -7.83 47.92
C TRP A 211 9.68 -7.75 49.43
N ASP A 212 9.77 -8.91 50.08
CA ASP A 212 10.20 -8.91 51.46
C ASP A 212 11.66 -8.44 51.47
N CYS A 213 11.92 -7.28 52.09
CA CYS A 213 13.28 -6.76 52.18
C CYS A 213 13.90 -6.96 53.56
N THR A 214 13.57 -8.07 54.21
CA THR A 214 14.09 -8.41 55.52
C THR A 214 15.44 -9.08 55.38
N ILE A 218 16.42 -9.67 52.07
CA ILE A 218 16.51 -9.52 50.62
C ILE A 218 17.87 -9.04 50.27
N ARG A 219 18.87 -9.91 50.40
CA ARG A 219 20.24 -9.51 50.14
C ARG A 219 20.84 -10.15 48.88
N TYR A 220 20.32 -11.28 48.42
CA TYR A 220 20.78 -11.87 47.15
C TYR A 220 20.28 -11.08 45.96
N LEU A 221 18.97 -10.84 45.91
CA LEU A 221 18.39 -10.07 44.81
C LEU A 221 18.91 -8.63 44.82
N SER A 222 19.08 -8.05 46.01
CA SER A 222 19.66 -6.71 46.07
C SER A 222 21.05 -6.67 45.42
N GLU A 223 21.78 -7.79 45.49
CA GLU A 223 23.12 -7.88 44.93
C GLU A 223 23.15 -8.35 43.48
N TRP A 224 22.14 -9.11 43.06
CA TRP A 224 22.05 -9.56 41.67
C TRP A 224 21.60 -8.44 40.74
N ILE A 225 20.88 -7.46 41.28
CA ILE A 225 20.37 -6.38 40.44
C ILE A 225 21.46 -5.33 40.20
N ASN A 226 22.24 -4.99 41.22
CA ASN A 226 23.32 -4.03 41.01
C ASN A 226 24.32 -4.57 40.01
N LYS A 227 24.69 -5.86 40.14
CA LYS A 227 25.59 -6.51 39.18
C LYS A 227 25.03 -6.48 37.77
N HIS A 228 23.74 -6.75 37.63
CA HIS A 228 23.09 -6.67 36.34
C HIS A 228 22.12 -5.47 36.30
N SER A 229 22.65 -4.25 36.47
CA SER A 229 21.81 -3.05 36.51
C SER A 229 21.49 -2.55 35.12
N GLY A 230 21.03 -3.46 34.25
CA GLY A 230 20.67 -3.12 32.89
C GLY A 230 19.73 -4.12 32.26
N VAL A 231 19.47 -5.25 32.93
CA VAL A 231 18.46 -6.21 32.43
C VAL A 231 17.06 -6.01 32.99
N VAL A 232 16.91 -5.15 34.01
CA VAL A 232 15.62 -4.87 34.64
C VAL A 232 14.90 -3.75 33.90
N ARG A 233 13.64 -3.96 33.58
CA ARG A 233 12.87 -2.97 32.85
C ARG A 233 11.50 -2.76 33.50
N ASN A 234 11.06 -1.49 33.59
CA ASN A 234 9.77 -1.23 34.18
C ASN A 234 8.68 -1.43 33.12
N SER A 235 7.40 -1.29 33.54
CA SER A 235 6.25 -1.60 32.70
C SER A 235 6.15 -0.75 31.43
N ALA A 236 6.93 0.34 31.32
CA ALA A 236 6.94 1.20 30.14
C ALA A 236 7.99 0.80 29.09
N GLY A 237 8.93 -0.07 29.44
CA GLY A 237 9.95 -0.51 28.54
C GLY A 237 11.30 0.12 28.78
N SER A 238 11.34 1.32 29.35
CA SER A 238 12.63 1.93 29.67
C SER A 238 13.40 1.06 30.66
N VAL A 239 14.73 1.09 30.55
CA VAL A 239 15.55 0.42 31.55
C VAL A 239 15.31 1.07 32.90
N ALA A 240 15.02 0.25 33.90
CA ALA A 240 14.62 0.81 35.19
C ALA A 240 14.75 -0.23 36.30
N PRO A 241 15.93 -0.32 36.93
CA PRO A 241 16.09 -1.26 38.05
C PRO A 241 15.45 -0.82 39.37
N ASP A 242 15.27 0.49 39.62
CA ASP A 242 14.61 0.81 40.87
C ASP A 242 13.04 0.39 40.88
N SER A 243 12.62 -0.48 39.96
CA SER A 243 11.20 -0.76 39.77
C SER A 243 10.74 -1.86 40.68
N ALA A 244 11.65 -2.75 41.08
CA ALA A 244 11.36 -3.77 42.08
C ALA A 244 11.36 -3.10 43.44
N LYS A 245 10.17 -2.82 43.98
CA LYS A 245 10.06 -2.04 45.20
C LYS A 245 9.82 -2.96 46.38
N CYS A 246 10.47 -2.64 47.51
CA CYS A 246 10.27 -3.41 48.73
C CYS A 246 8.83 -3.30 49.18
N SER A 247 8.34 -4.36 49.81
CA SER A 247 7.02 -4.28 50.41
C SER A 247 7.02 -3.28 51.57
N GLY A 248 5.85 -2.68 51.81
CA GLY A 248 5.65 -1.80 52.95
C GLY A 248 6.34 -0.46 52.87
N SER A 249 7.66 -0.47 52.81
CA SER A 249 8.40 0.77 52.66
C SER A 249 8.13 1.40 51.30
N GLY A 250 8.17 0.57 50.26
CA GLY A 250 8.12 1.06 48.89
C GLY A 250 9.46 1.45 48.33
N LYS A 251 10.53 1.24 49.06
CA LYS A 251 11.84 1.67 48.59
C LYS A 251 12.41 0.65 47.62
N PRO A 252 13.23 1.07 46.67
CA PRO A 252 13.78 0.11 45.70
C PRO A 252 14.66 -0.94 46.37
N VAL A 253 14.60 -2.16 45.83
CA VAL A 253 15.38 -3.27 46.38
C VAL A 253 16.88 -2.97 46.29
N ARG A 254 17.34 -2.69 45.07
CA ARG A 254 18.76 -2.48 44.77
C ARG A 254 19.40 -1.44 45.69
N SER A 255 18.59 -0.71 46.44
CA SER A 255 19.10 0.35 47.32
C SER A 255 19.33 -0.14 48.76
N ILE A 256 19.52 -1.44 48.95
CA ILE A 256 19.83 -1.95 50.28
C ILE A 256 21.08 -2.83 50.27
N ALA B 11 -1.00 34.25 -3.15
CA ALA B 11 -1.78 33.60 -4.21
C ALA B 11 -0.88 32.79 -5.14
N PHE B 12 -0.62 33.41 -6.29
CA PHE B 12 0.38 32.88 -7.22
C PHE B 12 1.70 32.55 -6.53
N ALA B 13 2.07 33.30 -5.49
CA ALA B 13 3.33 33.05 -4.82
C ALA B 13 3.32 31.76 -4.03
N GLU B 14 2.17 31.38 -3.45
CA GLU B 14 2.13 30.15 -2.67
C GLU B 14 2.38 28.92 -3.56
N THR B 15 2.01 28.98 -4.85
CA THR B 15 2.42 27.93 -5.78
C THR B 15 3.94 27.88 -5.86
N ILE B 16 4.57 29.06 -5.91
CA ILE B 16 6.03 29.15 -5.99
C ILE B 16 6.68 28.67 -4.70
N LYS B 17 6.13 29.10 -3.55
CA LYS B 17 6.61 28.67 -2.24
C LYS B 17 6.43 27.17 -2.01
N ALA B 18 5.48 26.54 -2.70
CA ALA B 18 5.34 25.08 -2.66
C ALA B 18 6.15 24.40 -3.76
N ASN B 19 6.25 25.02 -4.93
CA ASN B 19 7.20 24.56 -5.94
C ASN B 19 8.63 24.62 -5.41
N LEU B 20 9.00 25.73 -4.77
CA LEU B 20 10.33 25.89 -4.16
C LEU B 20 10.23 25.70 -2.64
N LYS B 21 9.98 24.44 -2.27
CA LYS B 21 9.70 24.02 -0.90
C LYS B 21 10.59 24.68 0.15
N GLN B 31 15.79 35.21 -8.84
CA GLN B 31 17.16 34.88 -8.51
C GLN B 31 17.72 33.83 -9.46
N ASN B 32 18.51 32.92 -8.90
CA ASN B 32 18.85 31.65 -9.53
C ASN B 32 17.86 30.57 -9.20
N GLU B 33 16.98 30.83 -8.22
CA GLU B 33 16.04 29.83 -7.76
C GLU B 33 14.92 29.62 -8.78
N LEU B 34 14.49 30.71 -9.41
CA LEU B 34 13.44 30.66 -10.41
C LEU B 34 13.89 29.99 -11.70
N ASN B 35 15.20 29.90 -11.94
CA ASN B 35 15.71 29.20 -13.12
C ASN B 35 15.51 27.68 -13.01
N SER B 36 15.64 27.12 -11.79
CA SER B 36 15.48 25.69 -11.49
C SER B 36 14.02 25.25 -11.38
N ILE B 37 13.09 26.00 -11.96
CA ILE B 37 11.68 25.66 -11.99
C ILE B 37 11.34 25.36 -13.44
N ASP B 38 11.23 24.07 -13.78
CA ASP B 38 10.83 23.64 -15.11
C ASP B 38 9.32 23.45 -15.26
N GLN B 39 8.60 23.12 -14.18
CA GLN B 39 7.17 22.86 -14.29
C GLN B 39 6.45 23.53 -13.14
N ILE B 40 5.28 24.10 -13.47
CA ILE B 40 4.43 24.78 -12.49
C ILE B 40 3.03 24.19 -12.57
N ILE B 41 2.62 23.52 -11.51
CA ILE B 41 1.32 22.85 -11.40
C ILE B 41 0.51 23.66 -10.39
N ALA B 42 -0.53 24.35 -10.87
CA ALA B 42 -1.27 25.23 -9.98
C ALA B 42 -2.68 25.50 -10.45
N ASN B 43 -3.48 24.46 -10.60
CA ASN B 43 -4.83 24.62 -11.12
C ASN B 43 -5.84 24.57 -9.99
N ASN B 44 -7.07 25.01 -10.33
CA ASN B 44 -8.16 25.24 -9.39
C ASN B 44 -7.66 25.93 -8.12
N SER B 45 -7.11 27.13 -8.32
CA SER B 45 -6.61 28.03 -7.31
C SER B 45 -7.51 29.26 -7.29
N ASP B 46 -7.00 30.41 -6.84
CA ASP B 46 -7.67 31.69 -7.05
C ASP B 46 -6.63 32.70 -7.54
N ILE B 47 -6.13 32.47 -8.75
CA ILE B 47 -5.08 33.29 -9.36
C ILE B 47 -5.72 34.25 -10.35
N LYS B 48 -5.46 35.55 -10.18
CA LYS B 48 -5.92 36.54 -11.15
C LYS B 48 -4.79 37.11 -12.01
N SER B 49 -3.62 37.31 -11.43
CA SER B 49 -2.44 37.72 -12.19
C SER B 49 -1.43 36.59 -12.16
N VAL B 50 -0.71 36.47 -13.27
CA VAL B 50 0.42 35.54 -13.41
C VAL B 50 1.75 36.29 -13.50
N GLN B 51 1.76 37.60 -13.23
CA GLN B 51 2.95 38.44 -13.36
C GLN B 51 4.10 37.94 -12.50
N GLY B 52 5.32 38.10 -13.03
CA GLY B 52 6.48 37.41 -12.53
C GLY B 52 6.81 36.12 -13.25
N ILE B 53 5.86 35.57 -14.01
CA ILE B 53 6.08 34.35 -14.80
C ILE B 53 7.11 34.54 -15.91
N GLN B 54 7.54 35.76 -16.20
CA GLN B 54 8.63 35.97 -17.14
C GLN B 54 10.01 35.86 -16.48
N TYR B 55 10.08 35.97 -15.15
CA TYR B 55 11.34 35.91 -14.41
C TYR B 55 11.79 34.48 -14.11
N LEU B 56 11.34 33.53 -14.92
CA LEU B 56 11.75 32.13 -14.77
C LEU B 56 11.68 31.47 -16.13
N PRO B 57 12.73 31.64 -16.96
CA PRO B 57 12.67 31.24 -18.38
C PRO B 57 12.71 29.73 -18.59
N ASN B 58 13.72 29.05 -18.02
CA ASN B 58 13.85 27.61 -18.17
C ASN B 58 12.68 26.89 -17.51
N VAL B 59 11.45 27.16 -17.97
CA VAL B 59 10.24 26.54 -17.42
C VAL B 59 9.46 25.92 -18.58
N ARG B 60 8.91 24.70 -18.37
CA ARG B 60 8.41 23.87 -19.46
C ARG B 60 6.93 23.47 -19.33
N TYR B 61 6.46 23.18 -18.12
CA TYR B 61 5.11 22.66 -17.92
C TYR B 61 4.31 23.64 -17.07
N LEU B 62 3.14 24.06 -17.59
CA LEU B 62 2.32 25.10 -16.96
C LEU B 62 0.87 24.66 -16.85
N ALA B 63 0.37 24.56 -15.61
CA ALA B 63 -0.96 24.06 -15.34
C ALA B 63 -1.75 25.13 -14.58
N LEU B 64 -2.77 25.71 -15.24
CA LEU B 64 -3.53 26.85 -14.70
C LEU B 64 -5.00 26.69 -15.06
N GLY B 65 -5.67 25.76 -14.40
CA GLY B 65 -7.07 25.54 -14.71
C GLY B 65 -7.90 25.74 -13.46
N GLY B 66 -8.87 26.66 -13.48
CA GLY B 66 -9.55 27.09 -12.30
C GLY B 66 -9.02 28.33 -11.64
N ASN B 67 -8.51 29.29 -12.41
CA ASN B 67 -8.14 30.62 -11.94
C ASN B 67 -9.00 31.65 -12.69
N LYS B 68 -8.75 32.95 -12.44
CA LYS B 68 -9.55 34.02 -13.07
C LYS B 68 -8.58 34.98 -13.77
N LEU B 69 -8.09 34.58 -14.93
CA LEU B 69 -7.11 35.35 -15.68
C LEU B 69 -7.77 36.01 -16.87
N HIS B 70 -7.16 37.08 -17.36
CA HIS B 70 -7.53 37.61 -18.66
C HIS B 70 -6.35 38.00 -19.53
N ASP B 71 -5.16 38.21 -18.95
CA ASP B 71 -3.94 38.56 -19.67
C ASP B 71 -3.01 37.34 -19.68
N ILE B 72 -2.43 37.07 -20.83
CA ILE B 72 -1.33 36.11 -20.90
C ILE B 72 -0.16 36.86 -21.48
N SER B 73 -0.11 38.16 -21.21
CA SER B 73 0.98 38.99 -21.69
C SER B 73 2.28 38.57 -21.03
N ALA B 74 2.22 38.20 -19.74
CA ALA B 74 3.41 37.86 -18.96
C ALA B 74 4.07 36.58 -19.46
N LEU B 75 3.41 35.82 -20.32
CA LEU B 75 3.91 34.54 -20.79
C LEU B 75 4.46 34.58 -22.22
N LYS B 76 4.30 35.72 -22.93
CA LYS B 76 4.67 35.80 -24.34
C LYS B 76 6.13 35.50 -24.59
N GLU B 77 6.96 35.45 -23.54
CA GLU B 77 8.40 35.28 -23.68
C GLU B 77 8.93 34.05 -22.94
N LEU B 78 8.06 33.17 -22.44
CA LEU B 78 8.51 31.85 -21.96
C LEU B 78 8.65 30.97 -23.19
N THR B 79 9.87 30.91 -23.72
CA THR B 79 10.05 30.38 -25.06
C THR B 79 10.09 28.86 -25.05
N ASN B 80 10.61 28.26 -23.97
CA ASN B 80 10.86 26.84 -23.88
C ASN B 80 9.73 26.04 -23.23
N LEU B 81 8.54 26.61 -23.09
CA LEU B 81 7.51 25.83 -22.44
C LEU B 81 6.75 25.05 -23.50
N THR B 82 6.42 23.79 -23.16
CA THR B 82 5.82 22.81 -24.06
C THR B 82 4.39 22.41 -23.72
N TYR B 83 3.91 22.70 -22.51
CA TYR B 83 2.51 22.47 -22.15
C TYR B 83 1.90 23.74 -21.55
N LEU B 84 0.73 24.14 -22.07
CA LEU B 84 -0.03 25.29 -21.56
C LEU B 84 -1.50 24.92 -21.34
N GLU B 85 -1.89 24.80 -20.05
CA GLU B 85 -3.24 24.40 -19.63
C GLU B 85 -3.98 25.63 -19.08
N LEU B 86 -4.97 26.11 -19.83
CA LEU B 86 -5.77 27.26 -19.42
C LEU B 86 -7.27 26.91 -19.54
N LYS B 87 -7.72 25.99 -18.71
CA LYS B 87 -9.13 25.63 -18.63
C LYS B 87 -9.84 26.52 -17.63
N TRP B 88 -11.06 26.93 -17.97
CA TRP B 88 -11.91 27.78 -17.13
C TRP B 88 -11.13 28.99 -16.60
N ASN B 89 -10.92 29.94 -17.50
CA ASN B 89 -10.39 31.24 -17.14
C ASN B 89 -11.23 32.30 -17.85
N GLN B 90 -10.98 33.58 -17.54
CA GLN B 90 -11.81 34.67 -18.07
C GLN B 90 -11.18 35.36 -19.27
N LEU B 91 -10.35 34.66 -20.03
CA LEU B 91 -9.78 35.24 -21.24
C LEU B 91 -10.86 35.51 -22.27
N GLN B 92 -10.73 36.65 -22.96
CA GLN B 92 -11.76 37.08 -23.90
C GLN B 92 -11.12 37.32 -25.26
N VAL B 98 1.03 36.70 -29.05
CA VAL B 98 1.36 36.22 -27.71
C VAL B 98 1.96 34.82 -27.80
N PHE B 99 1.42 34.05 -28.74
CA PHE B 99 1.86 32.69 -28.98
C PHE B 99 3.03 32.60 -29.97
N ASP B 100 3.35 33.68 -30.67
CA ASP B 100 4.31 33.61 -31.77
C ASP B 100 5.72 33.25 -31.31
N LYS B 101 6.02 33.42 -30.01
CA LYS B 101 7.38 33.29 -29.50
C LYS B 101 7.60 32.07 -28.61
N LEU B 102 6.68 31.11 -28.62
CA LEU B 102 6.86 29.88 -27.86
C LEU B 102 6.62 28.68 -28.77
N THR B 103 7.44 28.57 -29.82
CA THR B 103 7.23 27.59 -30.89
C THR B 103 7.33 26.16 -30.39
N ASN B 104 8.01 25.92 -29.27
CA ASN B 104 8.10 24.60 -28.68
C ASN B 104 6.80 24.16 -28.02
N LEU B 105 5.80 25.03 -27.98
CA LEU B 105 4.50 24.64 -27.46
C LEU B 105 3.96 23.48 -28.29
N LYS B 106 3.40 22.50 -27.58
CA LYS B 106 3.03 21.21 -28.16
C LYS B 106 1.58 20.89 -27.80
N GLU B 107 1.14 21.28 -26.62
CA GLU B 107 -0.23 21.06 -26.16
C GLU B 107 -0.77 22.35 -25.52
N LEU B 108 -1.72 23.00 -26.20
CA LEU B 108 -2.28 24.29 -25.77
C LEU B 108 -3.75 24.07 -25.40
N VAL B 109 -4.08 24.21 -24.11
CA VAL B 109 -5.42 23.94 -23.59
C VAL B 109 -6.11 25.26 -23.30
N LEU B 110 -7.19 25.53 -24.02
CA LEU B 110 -7.87 26.81 -23.97
C LEU B 110 -9.38 26.57 -24.13
N ASN B 111 -9.95 25.77 -23.25
CA ASN B 111 -11.39 25.56 -23.27
C ASN B 111 -12.00 26.31 -22.10
N SER B 112 -13.33 26.44 -22.14
CA SER B 112 -14.14 26.99 -21.06
C SER B 112 -13.83 28.46 -20.77
N ASN B 113 -13.07 29.12 -21.64
CA ASN B 113 -12.87 30.56 -21.52
C ASN B 113 -14.08 31.27 -22.13
N GLN B 114 -13.99 32.59 -22.27
CA GLN B 114 -15.08 33.37 -22.83
C GLN B 114 -14.71 33.98 -24.17
N LEU B 115 -13.52 33.69 -24.67
CA LEU B 115 -12.98 34.42 -25.81
C LEU B 115 -13.98 34.44 -26.95
N GLN B 116 -14.24 35.64 -27.46
CA GLN B 116 -15.28 35.85 -28.46
C GLN B 116 -14.78 35.66 -29.88
N SER B 117 -13.46 35.68 -30.11
CA SER B 117 -12.92 35.35 -31.43
C SER B 117 -11.56 34.65 -31.35
N LEU B 118 -10.57 35.18 -32.07
CA LEU B 118 -9.19 34.69 -32.09
C LEU B 118 -8.41 35.52 -33.10
N PRO B 119 -7.35 36.27 -32.68
CA PRO B 119 -6.54 37.03 -33.64
C PRO B 119 -6.27 36.29 -34.94
N ASP B 120 -6.21 37.05 -36.03
CA ASP B 120 -6.16 36.50 -37.38
C ASP B 120 -4.80 35.84 -37.65
N GLY B 121 -4.60 34.67 -37.05
CA GLY B 121 -3.42 33.88 -37.33
C GLY B 121 -2.37 33.90 -36.23
N VAL B 122 -2.78 33.59 -34.99
CA VAL B 122 -1.84 33.51 -33.88
C VAL B 122 -1.42 32.08 -33.58
N PHE B 123 -2.00 31.10 -34.27
CA PHE B 123 -1.55 29.72 -34.22
C PHE B 123 -0.50 29.37 -35.28
N ASP B 124 -0.05 30.35 -36.08
CA ASP B 124 0.81 30.03 -37.20
C ASP B 124 2.25 29.76 -36.78
N LYS B 125 2.75 30.37 -35.70
CA LYS B 125 4.16 30.22 -35.36
C LYS B 125 4.45 28.84 -34.77
N LEU B 126 3.63 28.40 -33.82
CA LEU B 126 3.84 27.16 -33.08
C LEU B 126 3.51 25.96 -33.96
N THR B 127 4.49 25.64 -34.82
CA THR B 127 4.40 24.52 -35.75
C THR B 127 4.44 23.18 -35.03
N ASN B 128 5.12 23.11 -33.90
CA ASN B 128 5.28 21.88 -33.14
C ASN B 128 4.03 21.47 -32.37
N LEU B 129 3.00 22.31 -32.31
CA LEU B 129 1.80 22.00 -31.53
C LEU B 129 1.08 20.79 -32.09
N THR B 130 0.48 20.00 -31.19
CA THR B 130 -0.15 18.74 -31.55
C THR B 130 -1.51 18.50 -30.92
N TYR B 131 -1.86 19.22 -29.85
CA TYR B 131 -3.20 19.17 -29.25
C TYR B 131 -3.69 20.60 -29.01
N LEU B 132 -4.79 20.96 -29.67
CA LEU B 132 -5.43 22.25 -29.43
C LEU B 132 -6.85 21.98 -28.94
N ASN B 133 -7.18 22.51 -27.76
CA ASN B 133 -8.52 22.37 -27.16
C ASN B 133 -9.17 23.75 -27.06
N LEU B 134 -10.04 24.07 -28.01
CA LEU B 134 -10.81 25.32 -27.95
C LEU B 134 -12.28 25.07 -27.63
N ALA B 135 -12.59 24.00 -26.89
CA ALA B 135 -13.97 23.61 -26.69
C ALA B 135 -14.67 24.54 -25.70
N HIS B 136 -15.98 24.74 -25.92
CA HIS B 136 -16.83 25.60 -25.10
C HIS B 136 -16.17 26.94 -24.81
N ASN B 137 -15.99 27.69 -25.91
CA ASN B 137 -15.81 29.14 -25.86
C ASN B 137 -16.98 29.78 -26.58
N GLN B 138 -16.70 30.90 -27.28
CA GLN B 138 -17.72 31.69 -27.97
C GLN B 138 -17.07 32.12 -29.28
N LEU B 139 -17.13 31.26 -30.27
CA LEU B 139 -16.55 31.55 -31.58
C LEU B 139 -17.63 31.41 -32.63
N GLN B 140 -18.08 32.55 -33.18
CA GLN B 140 -18.93 32.52 -34.36
C GLN B 140 -18.11 32.50 -35.64
N SER B 141 -16.85 32.97 -35.60
CA SER B 141 -15.96 33.02 -36.75
C SER B 141 -14.76 32.10 -36.54
N LEU B 142 -13.98 31.92 -37.60
CA LEU B 142 -12.70 31.22 -37.54
C LEU B 142 -11.74 31.83 -38.55
N PRO B 143 -10.78 32.68 -38.11
CA PRO B 143 -9.82 33.27 -39.05
C PRO B 143 -9.17 32.24 -39.96
N ASP B 144 -9.44 32.37 -41.26
CA ASP B 144 -8.91 31.44 -42.24
C ASP B 144 -7.38 31.41 -42.19
N GLY B 145 -6.82 30.23 -42.39
CA GLY B 145 -5.38 30.12 -42.39
C GLY B 145 -4.74 30.08 -41.02
N VAL B 146 -5.54 30.12 -39.94
CA VAL B 146 -4.96 30.00 -38.61
C VAL B 146 -4.61 28.54 -38.31
N PHE B 147 -5.33 27.60 -38.91
CA PHE B 147 -5.06 26.20 -38.64
C PHE B 147 -4.06 25.58 -39.60
N ASP B 148 -3.68 26.29 -40.67
CA ASP B 148 -2.95 25.64 -41.76
C ASP B 148 -1.47 25.49 -41.47
N LYS B 149 -0.94 26.16 -40.43
CA LYS B 149 0.48 26.25 -40.15
C LYS B 149 0.95 25.33 -39.01
N LEU B 150 0.32 24.16 -38.84
CA LEU B 150 0.72 23.21 -37.79
C LEU B 150 0.26 21.82 -38.21
N THR B 151 1.11 21.17 -38.99
CA THR B 151 0.65 20.00 -39.74
C THR B 151 0.48 18.81 -38.83
N ASN B 152 1.41 18.63 -37.89
CA ASN B 152 1.31 17.54 -36.92
C ASN B 152 0.45 17.98 -35.74
N LEU B 153 -0.86 18.02 -36.00
CA LEU B 153 -1.84 18.17 -34.94
C LEU B 153 -2.57 16.83 -34.84
N THR B 154 -2.69 16.31 -33.60
CA THR B 154 -3.41 15.04 -33.44
C THR B 154 -4.89 15.24 -33.10
N GLY B 155 -5.21 16.22 -32.28
CA GLY B 155 -6.58 16.44 -31.84
C GLY B 155 -6.93 17.92 -31.86
N LEU B 156 -8.17 18.19 -32.22
CA LEU B 156 -8.68 19.55 -32.32
C LEU B 156 -10.09 19.58 -31.77
N GLU B 157 -10.38 20.51 -30.86
CA GLU B 157 -11.67 20.58 -30.18
C GLU B 157 -12.33 21.94 -30.35
N LEU B 158 -13.41 21.98 -31.13
CA LEU B 158 -14.20 23.19 -31.35
C LEU B 158 -15.65 23.02 -30.86
N CYS B 159 -15.91 22.07 -29.96
CA CYS B 159 -17.27 21.79 -29.54
C CYS B 159 -17.74 22.84 -28.55
N GLY B 160 -19.04 23.13 -28.59
CA GLY B 160 -19.63 24.02 -27.60
C GLY B 160 -19.33 25.49 -27.85
N ASN B 161 -19.26 25.88 -29.12
CA ASN B 161 -19.05 27.27 -29.51
C ASN B 161 -20.27 27.78 -30.28
N GLN B 162 -20.20 29.04 -30.66
CA GLN B 162 -21.20 29.65 -31.51
C GLN B 162 -20.86 29.52 -32.99
N LEU B 163 -20.15 28.46 -33.39
CA LEU B 163 -19.74 28.28 -34.78
C LEU B 163 -20.92 28.43 -35.72
N GLN B 164 -20.64 28.99 -36.90
CA GLN B 164 -21.64 29.07 -37.96
C GLN B 164 -20.90 29.32 -39.26
N SER B 165 -19.68 29.82 -39.14
CA SER B 165 -18.76 29.92 -40.26
C SER B 165 -17.68 28.88 -40.05
N LEU B 166 -17.66 27.85 -40.90
CA LEU B 166 -16.55 26.91 -40.97
C LEU B 166 -15.79 27.19 -42.27
N PRO B 167 -14.84 28.14 -42.27
CA PRO B 167 -14.08 28.47 -43.48
C PRO B 167 -13.55 27.25 -44.22
N GLU B 168 -13.41 27.37 -45.54
CA GLU B 168 -13.09 26.26 -46.42
C GLU B 168 -11.57 26.04 -46.50
N GLY B 169 -11.20 24.78 -46.72
CA GLY B 169 -9.81 24.42 -46.80
C GLY B 169 -9.07 24.54 -45.48
N VAL B 170 -9.79 24.90 -44.41
CA VAL B 170 -9.08 25.20 -43.17
C VAL B 170 -8.54 23.92 -42.57
N PHE B 171 -9.26 22.81 -42.72
CA PHE B 171 -8.79 21.51 -42.26
C PHE B 171 -8.04 20.73 -43.32
N ASP B 172 -7.66 21.39 -44.42
CA ASP B 172 -7.00 20.71 -45.52
C ASP B 172 -5.50 20.62 -45.28
N LYS B 173 -4.91 21.68 -44.72
CA LYS B 173 -3.51 21.67 -44.37
C LYS B 173 -3.20 20.84 -43.10
N LEU B 174 -4.14 19.98 -42.68
CA LEU B 174 -4.04 19.21 -41.44
C LEU B 174 -4.18 17.73 -41.74
N THR B 175 -3.05 17.07 -41.89
CA THR B 175 -3.07 15.68 -42.36
C THR B 175 -3.02 14.69 -41.22
N GLN B 176 -2.22 14.96 -40.18
CA GLN B 176 -2.00 14.01 -39.10
C GLN B 176 -3.12 14.00 -38.08
N LEU B 177 -4.20 14.75 -38.31
CA LEU B 177 -5.29 14.88 -37.35
C LEU B 177 -6.08 13.57 -37.20
N LYS B 178 -6.26 13.12 -35.95
CA LYS B 178 -7.04 11.92 -35.68
C LYS B 178 -8.34 12.18 -34.94
N ASP B 179 -8.44 13.28 -34.20
CA ASP B 179 -9.62 13.65 -33.45
C ASP B 179 -9.96 15.07 -33.83
N LEU B 180 -11.21 15.28 -34.23
CA LEU B 180 -11.72 16.58 -34.65
C LEU B 180 -13.15 16.69 -34.14
N ARG B 181 -13.43 17.64 -33.26
CA ARG B 181 -14.69 17.68 -32.55
C ARG B 181 -15.48 18.91 -32.95
N LEU B 182 -16.71 18.72 -33.41
CA LEU B 182 -17.55 19.81 -33.90
C LEU B 182 -18.96 19.75 -33.31
N TYR B 183 -19.17 18.99 -32.24
CA TYR B 183 -20.52 18.84 -31.70
C TYR B 183 -20.95 20.10 -30.97
N GLN B 184 -22.26 20.29 -30.84
CA GLN B 184 -22.84 21.40 -30.10
C GLN B 184 -22.27 22.73 -30.59
N ASN B 185 -22.68 23.06 -31.81
CA ASN B 185 -22.40 24.33 -32.47
C ASN B 185 -23.57 24.63 -33.39
N GLN B 186 -23.50 25.79 -34.04
CA GLN B 186 -24.57 26.25 -34.92
C GLN B 186 -24.11 26.22 -36.38
N LEU B 187 -23.73 25.05 -36.89
CA LEU B 187 -23.44 24.93 -38.30
C LEU B 187 -24.73 24.54 -39.00
N LYS B 188 -25.08 25.27 -40.07
CA LYS B 188 -26.21 24.90 -40.92
C LYS B 188 -25.75 24.19 -42.20
N SER B 189 -24.46 24.26 -42.52
CA SER B 189 -23.86 23.46 -43.58
C SER B 189 -22.33 23.60 -43.49
N VAL B 190 -21.63 22.82 -44.31
CA VAL B 190 -20.18 22.85 -44.39
C VAL B 190 -19.79 22.98 -45.85
N PRO B 191 -18.66 23.59 -46.16
CA PRO B 191 -18.12 23.45 -47.51
C PRO B 191 -17.79 21.99 -47.77
N ASP B 192 -18.68 21.25 -48.43
CA ASP B 192 -18.33 19.90 -48.84
C ASP B 192 -17.00 19.91 -49.59
N GLY B 193 -16.08 19.06 -49.13
CA GLY B 193 -14.72 19.03 -49.62
C GLY B 193 -13.69 19.43 -48.61
N VAL B 194 -14.10 19.95 -47.44
CA VAL B 194 -13.14 20.33 -46.40
C VAL B 194 -12.54 19.09 -45.73
N PHE B 195 -13.20 17.95 -45.87
CA PHE B 195 -12.67 16.72 -45.32
C PHE B 195 -12.10 15.90 -46.46
N THR B 199 -6.99 12.09 -43.59
CA THR B 199 -6.79 10.67 -43.88
C THR B 199 -6.35 9.95 -42.62
N SER B 200 -5.62 10.68 -41.80
CA SER B 200 -5.27 10.16 -40.49
C SER B 200 -6.51 10.02 -39.61
N LEU B 201 -7.58 10.73 -39.99
CA LEU B 201 -8.71 10.94 -39.10
C LEU B 201 -9.41 9.64 -38.77
N GLN B 202 -9.61 9.40 -37.47
CA GLN B 202 -10.40 8.28 -37.01
C GLN B 202 -11.60 8.69 -36.20
N TYR B 203 -11.67 9.94 -35.76
CA TYR B 203 -12.71 10.35 -34.84
C TYR B 203 -13.14 11.76 -35.21
N ILE B 204 -14.43 11.91 -35.49
CA ILE B 204 -15.05 13.22 -35.71
C ILE B 204 -16.39 13.25 -35.02
N TRP B 205 -16.82 14.44 -34.66
CA TRP B 205 -18.05 14.61 -33.92
C TRP B 205 -18.86 15.74 -34.54
N LEU B 206 -20.11 15.42 -34.90
CA LEU B 206 -20.95 16.34 -35.67
C LEU B 206 -22.32 16.55 -35.04
N HIS B 207 -22.60 15.97 -33.89
CA HIS B 207 -23.95 15.94 -33.35
C HIS B 207 -24.34 17.29 -32.72
N ASP B 208 -25.59 17.40 -32.28
CA ASP B 208 -26.16 18.60 -31.66
C ASP B 208 -26.00 19.84 -32.53
N ASN B 209 -25.83 19.67 -33.88
CA ASN B 209 -25.77 20.83 -34.75
C ASN B 209 -27.00 20.85 -35.66
N PRO B 210 -27.52 22.05 -35.98
CA PRO B 210 -28.81 22.13 -36.65
C PRO B 210 -28.65 22.51 -38.12
N TRP B 211 -28.52 21.51 -38.98
CA TRP B 211 -28.29 21.77 -40.39
C TRP B 211 -29.54 22.30 -41.08
N GLY B 230 -17.24 5.05 -40.43
CA GLY B 230 -16.88 4.50 -39.14
C GLY B 230 -16.05 5.44 -38.30
N VAL B 231 -15.87 6.67 -38.82
CA VAL B 231 -15.07 7.71 -38.16
C VAL B 231 -15.90 8.68 -37.32
N VAL B 232 -17.21 8.66 -37.43
CA VAL B 232 -18.09 9.54 -36.68
C VAL B 232 -18.62 8.82 -35.47
N ARG B 233 -18.73 9.52 -34.34
CA ARG B 233 -19.26 8.91 -33.13
C ARG B 233 -20.38 9.73 -32.50
N ASN B 234 -20.85 9.33 -31.33
CA ASN B 234 -21.89 10.07 -30.60
C ASN B 234 -21.35 10.49 -29.24
N SER B 235 -22.02 11.46 -28.61
CA SER B 235 -21.58 11.95 -27.31
C SER B 235 -21.34 10.85 -26.28
N ALA B 236 -21.91 9.66 -26.50
CA ALA B 236 -21.71 8.54 -25.60
C ALA B 236 -20.61 7.57 -26.06
N GLY B 237 -19.71 7.99 -26.95
CA GLY B 237 -18.53 7.22 -27.29
C GLY B 237 -18.79 5.94 -28.09
N SER B 238 -19.47 6.07 -29.23
CA SER B 238 -19.83 4.92 -30.05
C SER B 238 -19.98 5.34 -31.50
N VAL B 239 -19.52 4.51 -32.42
CA VAL B 239 -19.60 4.83 -33.84
C VAL B 239 -21.06 4.87 -34.25
N ALA B 240 -21.53 6.07 -34.58
CA ALA B 240 -22.95 6.33 -34.76
C ALA B 240 -23.12 7.30 -35.92
N PRO B 241 -23.29 6.78 -37.14
CA PRO B 241 -23.36 7.69 -38.30
C PRO B 241 -24.68 8.47 -38.40
N ASP B 242 -25.76 7.99 -37.81
CA ASP B 242 -27.05 8.69 -37.93
C ASP B 242 -27.22 9.81 -36.89
N SER B 243 -26.17 10.14 -36.11
CA SER B 243 -26.27 11.19 -35.10
C SER B 243 -26.17 12.60 -35.70
N ALA B 244 -26.10 12.72 -37.02
CA ALA B 244 -26.15 13.99 -37.75
C ALA B 244 -27.56 14.14 -38.30
N LYS B 245 -28.42 14.77 -37.48
CA LYS B 245 -29.83 14.88 -37.81
C LYS B 245 -30.13 16.21 -38.51
N CYS B 246 -30.89 16.13 -39.61
CA CYS B 246 -31.27 17.32 -40.38
C CYS B 246 -32.21 18.18 -39.55
N SER B 247 -31.92 19.48 -39.53
CA SER B 247 -32.66 20.42 -38.70
C SER B 247 -34.17 20.27 -38.90
N GLY B 248 -34.93 20.45 -37.83
CA GLY B 248 -36.38 20.37 -37.85
C GLY B 248 -36.95 18.98 -38.09
N SER B 249 -36.74 18.47 -39.32
CA SER B 249 -37.15 17.12 -39.68
C SER B 249 -36.39 16.05 -38.90
N GLY B 250 -35.20 16.36 -38.37
CA GLY B 250 -34.49 15.46 -37.49
C GLY B 250 -34.14 14.20 -38.22
N LYS B 251 -34.32 14.21 -39.53
CA LYS B 251 -34.06 13.04 -40.33
C LYS B 251 -32.55 12.90 -40.45
N PRO B 252 -31.97 11.81 -39.98
CA PRO B 252 -30.55 11.56 -40.23
C PRO B 252 -30.20 11.76 -41.68
N VAL B 253 -29.30 12.71 -41.93
CA VAL B 253 -28.67 12.90 -43.23
C VAL B 253 -27.56 13.90 -43.02
N PRO C 1 -16.82 10.29 14.96
CA PRO C 1 -15.93 9.50 15.82
C PRO C 1 -15.51 8.18 15.17
N SER C 2 -14.48 8.26 14.33
CA SER C 2 -13.92 7.12 13.64
C SER C 2 -12.56 6.80 14.24
N VAL C 3 -12.28 5.51 14.49
CA VAL C 3 -11.06 5.09 15.17
C VAL C 3 -10.34 4.04 14.34
N PHE C 4 -9.01 4.17 14.24
CA PHE C 4 -8.17 3.24 13.48
C PHE C 4 -6.97 2.78 14.31
N LEU C 5 -6.31 1.71 13.86
CA LEU C 5 -5.17 1.16 14.58
C LEU C 5 -4.06 0.72 13.63
N PHE C 6 -2.85 1.22 13.86
CA PHE C 6 -1.77 1.10 12.89
C PHE C 6 -0.58 0.38 13.50
N PRO C 7 -0.01 -0.58 12.79
CA PRO C 7 1.00 -1.43 13.39
C PRO C 7 2.35 -0.74 13.43
N PRO C 8 3.27 -1.19 14.27
CA PRO C 8 4.58 -0.54 14.33
C PRO C 8 5.29 -0.64 13.01
N LYS C 9 6.37 0.11 12.90
CA LYS C 9 7.18 0.05 11.69
C LYS C 9 8.08 -1.19 11.72
N PRO C 10 8.09 -1.98 10.67
CA PRO C 10 8.95 -3.16 10.65
C PRO C 10 10.40 -2.84 10.95
N LYS C 11 10.88 -1.65 10.54
CA LYS C 11 12.25 -1.26 10.83
C LYS C 11 12.53 -1.24 12.34
N ASP C 12 11.50 -0.94 13.14
CA ASP C 12 11.59 -0.83 14.59
C ASP C 12 11.41 -2.15 15.33
N THR C 13 10.55 -3.03 14.84
CA THR C 13 10.46 -4.35 15.46
C THR C 13 11.66 -5.23 15.14
N LEU C 14 12.40 -4.94 14.07
CA LEU C 14 13.52 -5.81 13.76
C LEU C 14 14.87 -5.24 14.12
N MET C 15 14.97 -3.94 14.36
CA MET C 15 16.29 -3.38 14.68
C MET C 15 16.53 -3.23 16.16
N ILE C 16 15.47 -3.06 16.96
CA ILE C 16 15.51 -3.22 18.41
C ILE C 16 16.26 -2.08 19.08
N SER C 17 17.37 -1.64 18.46
CA SER C 17 18.01 -0.39 18.83
C SER C 17 17.02 0.77 18.77
N ARG C 18 15.93 0.63 18.03
CA ARG C 18 14.86 1.60 17.99
C ARG C 18 13.67 1.10 18.82
N THR C 19 12.85 2.05 19.31
CA THR C 19 11.64 1.68 20.05
C THR C 19 10.46 1.63 19.09
N PRO C 20 9.86 0.47 18.86
CA PRO C 20 8.65 0.41 18.05
C PRO C 20 7.47 0.97 18.82
N GLU C 21 6.37 1.17 18.12
CA GLU C 21 5.16 1.57 18.84
C GLU C 21 3.95 1.42 17.95
N VAL C 22 2.81 1.14 18.59
CA VAL C 22 1.53 1.05 17.90
C VAL C 22 0.75 2.35 18.10
N THR C 23 0.32 2.94 16.96
CA THR C 23 -0.28 4.27 16.85
C THR C 23 -1.79 4.14 16.73
N CYS C 24 -2.54 4.55 17.75
CA CYS C 24 -3.99 4.61 17.65
C CYS C 24 -4.39 6.00 17.13
N VAL C 25 -5.42 6.04 16.29
CA VAL C 25 -5.77 7.24 15.54
C VAL C 25 -7.29 7.37 15.47
N VAL C 26 -7.80 8.51 15.94
CA VAL C 26 -9.24 8.75 15.93
C VAL C 26 -9.47 10.08 15.23
N VAL C 27 -10.44 10.09 14.31
CA VAL C 27 -10.79 11.23 13.47
C VAL C 27 -12.30 11.48 13.59
N ASP C 28 -12.77 12.53 12.91
CA ASP C 28 -14.13 13.04 13.07
C ASP C 28 -14.34 13.60 14.47
N VAL C 29 -14.88 12.80 15.38
CA VAL C 29 -15.27 13.31 16.72
C VAL C 29 -16.25 14.48 16.62
N GLU C 32 -16.26 20.97 18.83
CA GLU C 32 -17.18 20.84 19.95
C GLU C 32 -16.58 20.13 21.14
N ASP C 33 -16.57 18.76 21.11
CA ASP C 33 -16.07 17.85 22.16
C ASP C 33 -14.78 17.15 21.78
N PRO C 34 -13.60 17.79 21.84
CA PRO C 34 -12.40 17.13 21.31
C PRO C 34 -11.64 16.35 22.39
N GLU C 35 -12.36 15.82 23.36
CA GLU C 35 -11.73 15.22 24.52
C GLU C 35 -12.07 13.74 24.50
N VAL C 36 -11.03 12.92 24.36
CA VAL C 36 -11.19 11.46 24.23
C VAL C 36 -10.24 10.76 25.19
N LYS C 37 -10.81 9.95 26.09
CA LYS C 37 -10.02 9.06 26.93
C LYS C 37 -9.58 7.84 26.12
N PHE C 38 -8.34 7.41 26.37
CA PHE C 38 -7.71 6.29 25.68
C PHE C 38 -7.33 5.25 26.75
N ASN C 39 -7.88 4.06 26.69
CA ASN C 39 -7.35 2.96 27.50
C ASN C 39 -6.66 1.99 26.57
N TRP C 40 -5.63 1.31 27.05
CA TRP C 40 -4.93 0.35 26.18
C TRP C 40 -4.85 -1.01 26.84
N TYR C 41 -4.81 -2.04 26.01
CA TYR C 41 -4.74 -3.42 26.49
C TYR C 41 -3.76 -4.20 25.60
N VAL C 42 -2.78 -4.90 26.23
CA VAL C 42 -1.91 -5.84 25.51
C VAL C 42 -2.29 -7.25 25.99
N ASP C 43 -2.79 -8.06 25.06
CA ASP C 43 -3.15 -9.46 25.35
C ASP C 43 -4.28 -9.56 26.35
N GLY C 44 -5.15 -8.57 26.38
CA GLY C 44 -6.35 -8.62 27.18
C GLY C 44 -6.25 -7.94 28.51
N VAL C 45 -5.08 -7.40 28.84
CA VAL C 45 -4.79 -6.82 30.14
C VAL C 45 -4.42 -5.36 29.94
N GLU C 46 -4.93 -4.49 30.83
CA GLU C 46 -4.85 -3.07 30.61
C GLU C 46 -3.43 -2.58 30.91
N VAL C 47 -3.02 -1.55 30.19
CA VAL C 47 -1.71 -0.94 30.37
C VAL C 47 -1.96 0.56 30.44
N HIS C 48 -0.97 1.28 30.95
CA HIS C 48 -1.10 2.71 31.20
C HIS C 48 0.11 3.48 30.70
N ASN C 49 0.98 2.86 29.94
CA ASN C 49 2.21 3.51 29.55
C ASN C 49 2.08 4.37 28.29
N ALA C 50 0.88 4.47 27.74
CA ALA C 50 0.68 5.12 26.46
C ALA C 50 0.84 6.62 26.56
N LYS C 51 1.16 7.23 25.43
CA LYS C 51 1.34 8.67 25.30
C LYS C 51 0.05 9.32 24.80
N THR C 52 0.13 10.60 24.49
CA THR C 52 -0.90 11.25 23.69
C THR C 52 -0.28 12.53 23.14
N LYS C 53 -0.39 12.72 21.84
CA LYS C 53 0.22 13.86 21.18
C LYS C 53 -0.77 15.01 21.10
N PRO C 54 -0.31 16.25 20.91
CA PRO C 54 -1.27 17.37 20.82
C PRO C 54 -2.09 17.29 19.54
N ARG C 55 -3.37 17.72 19.62
CA ARG C 55 -4.34 17.45 18.55
C ARG C 55 -4.05 18.10 17.21
N GLU C 56 -4.98 17.98 16.26
CA GLU C 56 -4.85 18.70 14.99
C GLU C 56 -6.22 19.22 14.54
N ASN C 60 -10.95 20.62 6.45
CA ASN C 60 -12.01 20.33 7.42
C ASN C 60 -11.45 20.44 8.85
N SER C 61 -12.36 20.51 9.83
CA SER C 61 -12.00 20.65 11.24
C SER C 61 -11.55 19.28 11.76
N THR C 62 -10.30 18.93 11.43
CA THR C 62 -9.82 17.56 11.58
C THR C 62 -9.47 17.27 13.04
N TYR C 63 -10.10 16.25 13.62
CA TYR C 63 -9.84 15.87 15.01
C TYR C 63 -8.75 14.81 15.12
N ARG C 64 -7.60 15.02 14.46
CA ARG C 64 -6.51 14.05 14.43
C ARG C 64 -5.80 13.97 15.80
N VAL C 65 -6.48 13.33 16.76
CA VAL C 65 -5.90 13.04 18.08
C VAL C 65 -5.35 11.61 18.13
N VAL C 66 -4.11 11.49 18.56
CA VAL C 66 -3.31 10.27 18.42
C VAL C 66 -2.78 9.84 19.78
N SER C 67 -2.76 8.54 20.04
CA SER C 67 -2.15 7.92 21.21
C SER C 67 -1.16 6.87 20.73
N VAL C 68 0.11 7.00 21.11
CA VAL C 68 1.10 5.99 20.74
C VAL C 68 1.51 5.18 21.98
N LEU C 69 1.79 3.90 21.77
CA LEU C 69 2.05 2.95 22.84
C LEU C 69 3.32 2.17 22.53
N THR C 70 4.23 2.09 23.49
CA THR C 70 5.50 1.44 23.22
C THR C 70 5.38 -0.08 23.24
N VAL C 71 6.03 -0.71 22.28
CA VAL C 71 6.13 -2.16 22.20
C VAL C 71 7.24 -2.63 23.14
N LEU C 72 6.92 -3.59 23.99
CA LEU C 72 7.92 -4.24 24.82
C LEU C 72 8.66 -5.31 24.02
N HIS C 73 9.99 -5.22 24.02
CA HIS C 73 10.88 -6.19 23.39
C HIS C 73 10.38 -6.81 22.08
N GLN C 74 10.07 -8.12 22.13
CA GLN C 74 9.63 -8.86 20.96
C GLN C 74 8.14 -9.16 21.02
N ASP C 75 7.37 -8.31 21.71
CA ASP C 75 5.94 -8.56 21.85
C ASP C 75 5.24 -8.63 20.51
N TRP C 76 5.68 -7.83 19.54
CA TRP C 76 5.00 -7.84 18.26
C TRP C 76 5.19 -9.17 17.56
N LEU C 77 6.45 -9.62 17.45
CA LEU C 77 6.72 -10.84 16.71
C LEU C 77 6.14 -12.03 17.43
N ASN C 78 6.18 -12.02 18.77
CA ASN C 78 5.57 -13.08 19.57
C ASN C 78 4.09 -13.26 19.30
N GLY C 79 3.43 -12.21 18.82
CA GLY C 79 2.06 -12.27 18.41
C GLY C 79 1.13 -11.62 19.37
N LYS C 80 1.63 -10.78 20.26
CA LYS C 80 0.75 -10.05 21.16
C LYS C 80 -0.27 -9.25 20.33
N GLU C 81 -1.41 -9.00 20.96
CA GLU C 81 -2.58 -8.37 20.35
C GLU C 81 -2.75 -7.04 21.03
N TYR C 82 -2.87 -5.96 20.26
CA TYR C 82 -2.96 -4.62 20.82
C TYR C 82 -4.35 -4.03 20.58
N LYS C 83 -5.01 -3.60 21.66
CA LYS C 83 -6.38 -3.06 21.63
C LYS C 83 -6.40 -1.63 22.13
N CYS C 84 -6.97 -0.74 21.31
CA CYS C 84 -7.21 0.69 21.63
C CYS C 84 -8.69 0.94 21.94
N LYS C 85 -9.00 1.65 23.02
CA LYS C 85 -10.38 1.89 23.45
C LYS C 85 -10.63 3.37 23.66
N VAL C 86 -11.37 4.01 22.74
CA VAL C 86 -11.68 5.44 22.82
C VAL C 86 -13.08 5.63 23.39
N SER C 87 -13.32 6.81 24.00
CA SER C 87 -14.60 7.10 24.64
C SER C 87 -15.02 8.54 24.35
N ASN C 88 -16.29 8.72 23.92
CA ASN C 88 -16.86 9.98 23.36
C ASN C 88 -15.85 10.98 22.74
N PRO C 92 -21.60 8.91 22.03
CA PRO C 92 -21.48 7.50 21.67
C PRO C 92 -21.08 6.64 22.89
N ALA C 93 -20.91 5.34 22.70
CA ALA C 93 -20.32 4.43 23.68
C ALA C 93 -18.87 4.08 23.27
N PRO C 94 -18.09 3.41 24.14
CA PRO C 94 -16.67 3.21 23.81
C PRO C 94 -16.54 2.39 22.54
N ILE C 95 -15.61 2.82 21.69
CA ILE C 95 -15.30 2.10 20.45
C ILE C 95 -13.96 1.40 20.60
N GLU C 96 -13.94 0.08 20.55
CA GLU C 96 -12.73 -0.72 20.63
C GLU C 96 -12.32 -1.26 19.26
N LYS C 97 -11.01 -1.44 19.07
CA LYS C 97 -10.40 -1.94 17.83
C LYS C 97 -9.07 -2.62 18.18
N THR C 98 -8.77 -3.75 17.52
CA THR C 98 -7.59 -4.53 17.85
C THR C 98 -6.67 -4.68 16.63
N ILE C 99 -5.38 -4.89 16.89
CA ILE C 99 -4.34 -5.04 15.86
C ILE C 99 -3.30 -6.05 16.35
N SER C 100 -2.85 -6.91 15.44
CA SER C 100 -1.86 -7.94 15.75
C SER C 100 -1.13 -8.37 14.48
N LYS C 101 0.15 -8.78 14.65
CA LYS C 101 0.97 -9.37 13.60
C LYS C 101 0.21 -10.47 12.84
N ALA C 102 0.48 -10.57 11.54
CA ALA C 102 -0.31 -11.44 10.68
C ALA C 102 -0.11 -12.90 11.05
N LYS C 103 -1.20 -13.59 11.35
CA LYS C 103 -1.15 -15.01 11.72
C LYS C 103 -0.83 -15.86 10.49
N GLY C 104 -0.21 -17.00 10.73
CA GLY C 104 0.23 -17.86 9.66
C GLY C 104 1.65 -18.28 9.97
N GLN C 105 2.04 -19.42 9.39
CA GLN C 105 3.37 -19.94 9.66
C GLN C 105 4.41 -19.09 8.93
N PRO C 106 5.39 -18.54 9.65
CA PRO C 106 6.48 -17.79 9.01
C PRO C 106 7.23 -18.59 7.97
N ARG C 107 7.81 -17.85 7.04
CA ARG C 107 8.61 -18.39 5.95
C ARG C 107 9.85 -17.51 5.87
N GLU C 108 11.01 -18.13 5.64
CA GLU C 108 12.27 -17.40 5.50
C GLU C 108 12.37 -16.71 4.13
N PRO C 109 12.75 -15.42 4.09
CA PRO C 109 12.92 -14.74 2.80
C PRO C 109 14.19 -15.16 2.07
N GLN C 110 14.06 -15.34 0.75
CA GLN C 110 15.20 -15.46 -0.14
C GLN C 110 15.63 -14.08 -0.62
N VAL C 111 16.94 -13.79 -0.53
CA VAL C 111 17.52 -12.50 -0.93
C VAL C 111 18.54 -12.75 -2.03
N TYR C 112 18.28 -12.17 -3.19
CA TYR C 112 19.15 -12.27 -4.36
C TYR C 112 19.51 -10.88 -4.82
N THR C 113 20.77 -10.65 -5.23
CA THR C 113 21.12 -9.31 -5.70
C THR C 113 21.33 -9.29 -7.21
N LEU C 114 20.96 -8.17 -7.83
CA LEU C 114 20.85 -8.21 -9.27
C LEU C 114 21.44 -6.94 -9.87
N PRO C 115 22.49 -7.11 -10.68
CA PRO C 115 23.29 -5.98 -11.11
C PRO C 115 22.59 -5.21 -12.21
N PRO C 116 23.10 -4.03 -12.56
CA PRO C 116 22.39 -3.18 -13.52
C PRO C 116 22.44 -3.73 -14.93
N SER C 117 21.30 -3.63 -15.62
CA SER C 117 21.24 -3.95 -17.04
C SER C 117 22.37 -3.28 -17.79
N ARG C 118 22.99 -4.03 -18.70
CA ARG C 118 24.01 -3.47 -19.59
C ARG C 118 23.48 -2.23 -20.28
N ASP C 119 22.19 -2.25 -20.65
CA ASP C 119 21.58 -1.13 -21.34
C ASP C 119 21.43 0.08 -20.45
N GLU C 120 21.50 -0.08 -19.15
CA GLU C 120 21.47 1.07 -18.26
C GLU C 120 22.84 1.70 -18.09
N LEU C 121 23.92 1.03 -18.50
CA LEU C 121 25.25 1.53 -18.20
C LEU C 121 25.58 2.62 -19.20
N THR C 122 24.56 3.21 -19.80
CA THR C 122 24.75 4.38 -20.63
C THR C 122 24.37 5.66 -19.91
N LYS C 123 24.03 5.59 -18.62
CA LYS C 123 23.45 6.72 -17.90
C LYS C 123 24.26 7.08 -16.66
N ASN C 124 24.18 8.37 -16.28
CA ASN C 124 25.07 8.90 -15.27
C ASN C 124 25.07 8.06 -14.00
N GLN C 125 23.92 7.47 -13.66
CA GLN C 125 23.88 6.53 -12.55
C GLN C 125 23.08 5.29 -12.89
N VAL C 126 23.53 4.16 -12.34
CA VAL C 126 22.95 2.85 -12.59
C VAL C 126 22.07 2.43 -11.41
N SER C 127 21.33 1.33 -11.57
CA SER C 127 20.42 0.82 -10.54
C SER C 127 20.88 -0.56 -10.06
N LEU C 128 21.10 -0.70 -8.75
CA LEU C 128 21.36 -2.00 -8.13
C LEU C 128 20.10 -2.53 -7.46
N THR C 129 19.73 -3.80 -7.69
CA THR C 129 18.46 -4.22 -7.10
C THR C 129 18.63 -5.49 -6.24
N CYS C 130 17.78 -5.58 -5.22
CA CYS C 130 17.75 -6.63 -4.21
C CYS C 130 16.35 -7.22 -4.27
N LEU C 131 16.26 -8.51 -4.58
CA LEU C 131 15.00 -9.22 -4.69
C LEU C 131 14.83 -10.09 -3.45
N VAL C 132 13.74 -9.89 -2.73
CA VAL C 132 13.48 -10.64 -1.52
C VAL C 132 12.15 -11.31 -1.71
N LYS C 133 12.14 -12.60 -2.00
CA LYS C 133 10.91 -13.30 -2.32
C LYS C 133 10.58 -14.31 -1.23
N GLY C 134 9.30 -14.68 -1.17
CA GLY C 134 8.87 -15.75 -0.29
C GLY C 134 9.11 -15.65 1.20
N PHE C 135 8.77 -14.51 1.80
CA PHE C 135 8.81 -14.39 3.25
C PHE C 135 7.38 -14.29 3.78
N TYR C 136 7.21 -14.57 5.08
CA TYR C 136 5.93 -14.40 5.71
C TYR C 136 6.11 -14.25 7.21
N PRO C 137 5.50 -13.24 7.85
CA PRO C 137 4.57 -12.27 7.27
C PRO C 137 5.33 -11.21 6.46
N SER C 138 4.64 -10.14 6.02
CA SER C 138 5.24 -9.07 5.24
C SER C 138 6.09 -8.13 6.08
N ASP C 139 6.06 -8.26 7.41
CA ASP C 139 6.87 -7.37 8.25
C ASP C 139 8.32 -7.63 7.92
N ILE C 140 9.02 -6.66 7.33
CA ILE C 140 10.42 -6.88 6.91
C ILE C 140 11.15 -5.54 6.76
N ALA C 141 12.44 -5.56 7.06
CA ALA C 141 13.33 -4.41 6.88
C ALA C 141 14.41 -4.76 5.86
N VAL C 142 14.76 -3.76 5.06
CA VAL C 142 15.79 -3.81 4.01
C VAL C 142 16.58 -2.50 4.05
N GLU C 143 17.91 -2.60 4.03
CA GLU C 143 18.73 -1.39 3.92
C GLU C 143 19.98 -1.71 3.11
N TRP C 144 20.64 -0.66 2.62
CA TRP C 144 21.86 -0.81 1.84
C TRP C 144 23.08 -0.23 2.57
N GLU C 145 24.27 -0.64 2.09
CA GLU C 145 25.54 -0.19 2.64
C GLU C 145 26.67 -0.57 1.71
N SER C 146 27.73 0.21 1.75
CA SER C 146 28.90 -0.02 0.90
C SER C 146 30.05 -0.50 1.78
N ASN C 147 31.23 0.10 1.73
CA ASN C 147 32.40 -0.50 2.39
C ASN C 147 32.42 -0.05 3.83
N GLY C 148 31.50 -0.60 4.62
CA GLY C 148 31.39 -0.26 6.04
C GLY C 148 30.37 0.82 6.40
N GLN C 149 30.26 1.83 5.58
CA GLN C 149 29.21 2.82 5.85
C GLN C 149 27.93 2.44 5.09
N PRO C 150 26.79 3.02 5.46
CA PRO C 150 25.55 2.72 4.76
C PRO C 150 25.28 3.69 3.64
N GLU C 151 24.69 3.17 2.56
CA GLU C 151 24.18 4.03 1.52
C GLU C 151 22.83 4.62 1.93
N ASN C 152 22.30 5.52 1.13
CA ASN C 152 20.98 6.06 1.42
C ASN C 152 20.17 6.45 0.23
N ASN C 153 20.68 6.33 -0.99
CA ASN C 153 19.90 6.62 -2.19
C ASN C 153 19.18 5.37 -2.71
N TYR C 154 18.29 4.81 -1.88
CA TYR C 154 17.55 3.64 -2.27
C TYR C 154 16.07 3.79 -1.93
N LYS C 155 15.22 3.13 -2.75
CA LYS C 155 13.80 2.99 -2.47
C LYS C 155 13.44 1.50 -2.46
N THR C 156 12.48 1.14 -1.60
CA THR C 156 12.07 -0.25 -1.41
C THR C 156 10.59 -0.34 -1.70
N THR C 157 10.17 -1.22 -2.61
CA THR C 157 8.74 -1.32 -2.92
C THR C 157 8.04 -1.96 -1.73
N PRO C 158 6.71 -1.86 -1.63
CA PRO C 158 6.03 -2.51 -0.52
C PRO C 158 5.91 -4.00 -0.79
N PRO C 159 5.66 -4.81 0.23
CA PRO C 159 5.43 -6.24 0.00
C PRO C 159 4.30 -6.43 -0.99
N VAL C 160 4.45 -7.47 -1.79
CA VAL C 160 3.49 -7.83 -2.83
C VAL C 160 3.12 -9.27 -2.62
N LEU C 161 1.82 -9.58 -2.67
CA LEU C 161 1.37 -10.95 -2.50
C LEU C 161 1.66 -11.70 -3.79
N ASP C 162 2.20 -12.92 -3.64
CA ASP C 162 2.71 -13.73 -4.73
C ASP C 162 1.77 -14.91 -4.98
N SER C 163 2.07 -15.63 -6.04
CA SER C 163 1.25 -16.78 -6.38
C SER C 163 1.27 -17.81 -5.25
N ASP C 164 2.41 -17.99 -4.58
CA ASP C 164 2.43 -19.07 -3.60
C ASP C 164 1.89 -18.63 -2.23
N GLY C 165 1.27 -17.45 -2.14
CA GLY C 165 0.67 -17.07 -0.88
C GLY C 165 1.59 -16.44 0.16
N SER C 166 2.81 -16.05 -0.25
CA SER C 166 3.83 -15.35 0.52
C SER C 166 4.01 -13.94 -0.06
N PHE C 167 5.10 -13.27 0.32
CA PHE C 167 5.36 -11.92 -0.18
C PHE C 167 6.72 -11.86 -0.87
N PHE C 168 6.87 -10.85 -1.73
CA PHE C 168 8.18 -10.43 -2.24
C PHE C 168 8.19 -8.92 -2.29
N LEU C 169 9.38 -8.38 -2.58
CA LEU C 169 9.59 -6.95 -2.79
C LEU C 169 10.92 -6.80 -3.48
N TYR C 170 11.24 -5.55 -3.80
CA TYR C 170 12.54 -5.18 -4.34
C TYR C 170 12.99 -3.88 -3.71
N SER C 171 14.29 -3.77 -3.46
CA SER C 171 14.92 -2.48 -3.21
C SER C 171 15.85 -2.09 -4.34
N LYS C 172 15.65 -0.89 -4.86
CA LYS C 172 16.51 -0.27 -5.89
C LYS C 172 17.43 0.76 -5.24
N LEU C 173 18.73 0.49 -5.19
CA LEU C 173 19.74 1.46 -4.79
C LEU C 173 20.34 2.09 -6.04
N THR C 174 20.48 3.40 -6.00
CA THR C 174 21.00 4.16 -7.14
C THR C 174 22.37 4.75 -6.81
N VAL C 175 23.38 4.39 -7.61
CA VAL C 175 24.73 4.91 -7.41
C VAL C 175 25.27 5.46 -8.72
N ASP C 176 26.28 6.32 -8.60
CA ASP C 176 26.97 6.84 -9.76
C ASP C 176 27.68 5.70 -10.48
N LYS C 177 27.40 5.54 -11.79
CA LYS C 177 28.06 4.49 -12.60
C LYS C 177 29.57 4.50 -12.46
N SER C 178 30.16 5.67 -12.21
CA SER C 178 31.57 5.73 -11.91
C SER C 178 31.90 4.88 -10.69
N ARG C 179 30.93 4.78 -9.74
CA ARG C 179 31.14 4.01 -8.52
C ARG C 179 30.83 2.52 -8.72
N TRP C 180 29.87 2.17 -9.58
CA TRP C 180 29.68 0.76 -9.90
C TRP C 180 30.89 0.24 -10.66
N GLN C 181 31.22 0.89 -11.80
CA GLN C 181 32.24 0.39 -12.73
C GLN C 181 33.63 0.30 -12.12
N GLN C 182 33.87 1.00 -11.00
CA GLN C 182 35.13 0.90 -10.27
C GLN C 182 35.26 -0.42 -9.51
N GLY C 183 34.20 -1.21 -9.39
CA GLY C 183 34.27 -2.49 -8.73
C GLY C 183 33.93 -2.46 -7.26
N ASN C 184 33.42 -1.33 -6.76
CA ASN C 184 32.95 -1.23 -5.39
C ASN C 184 31.88 -2.28 -5.13
N VAL C 185 31.87 -2.79 -3.90
CA VAL C 185 30.97 -3.85 -3.47
C VAL C 185 29.93 -3.27 -2.51
N PHE C 186 28.67 -3.33 -2.94
CA PHE C 186 27.54 -2.86 -2.15
C PHE C 186 26.86 -4.05 -1.49
N SER C 187 26.21 -3.79 -0.35
CA SER C 187 25.59 -4.86 0.41
C SER C 187 24.15 -4.52 0.67
N CYS C 188 23.26 -5.48 0.38
CA CYS C 188 21.84 -5.43 0.70
C CYS C 188 21.67 -6.14 2.03
N SER C 189 21.19 -5.44 3.05
CA SER C 189 20.90 -6.10 4.31
C SER C 189 19.39 -6.15 4.54
N VAL C 190 18.94 -7.27 5.12
CA VAL C 190 17.52 -7.63 5.24
C VAL C 190 17.23 -8.16 6.64
N MET C 191 16.16 -7.65 7.26
CA MET C 191 15.82 -8.00 8.65
C MET C 191 14.38 -8.48 8.73
N HIS C 192 14.18 -9.74 9.18
CA HIS C 192 12.88 -10.41 9.25
C HIS C 192 12.94 -11.44 10.39
N GLU C 193 11.76 -11.90 10.82
CA GLU C 193 11.72 -12.78 11.98
C GLU C 193 12.17 -14.21 11.68
N ALA C 194 12.08 -14.65 10.42
CA ALA C 194 12.44 -16.01 10.05
C ALA C 194 13.89 -16.15 9.62
N LEU C 195 14.74 -15.18 9.95
CA LEU C 195 16.15 -15.21 9.61
C LEU C 195 16.93 -15.43 10.89
N HIS C 196 17.97 -16.24 10.83
CA HIS C 196 18.80 -16.39 12.01
C HIS C 196 19.32 -15.03 12.41
N ASN C 197 19.27 -14.73 13.71
CA ASN C 197 19.66 -13.40 14.20
C ASN C 197 18.82 -12.32 13.55
N HIS C 198 17.68 -12.70 12.98
CA HIS C 198 16.77 -11.77 12.34
C HIS C 198 17.44 -11.02 11.20
N TYR C 199 18.45 -11.61 10.56
CA TYR C 199 19.38 -10.82 9.77
C TYR C 199 20.09 -11.64 8.72
N THR C 200 20.14 -11.12 7.49
CA THR C 200 21.00 -11.62 6.45
C THR C 200 21.51 -10.44 5.64
N GLN C 201 22.66 -10.64 5.00
CA GLN C 201 23.30 -9.58 4.25
C GLN C 201 23.79 -10.18 2.94
N LYS C 202 23.34 -9.61 1.83
CA LYS C 202 23.79 -10.00 0.50
C LYS C 202 24.59 -8.86 -0.13
N SER C 203 25.61 -9.23 -0.91
CA SER C 203 26.54 -8.30 -1.52
C SER C 203 26.51 -8.47 -3.02
N LEU C 204 26.90 -7.41 -3.74
CA LEU C 204 27.09 -7.49 -5.20
C LEU C 204 28.13 -6.46 -5.64
N SER C 205 28.92 -6.85 -6.63
CA SER C 205 29.96 -5.98 -7.15
C SER C 205 30.13 -6.25 -8.63
N LEU C 206 31.14 -5.64 -9.23
CA LEU C 206 31.36 -5.77 -10.66
C LEU C 206 32.19 -7.01 -10.95
N PRO D 1 -23.85 8.06 3.68
CA PRO D 1 -24.01 8.56 2.29
C PRO D 1 -22.69 9.10 1.79
N SER D 2 -21.88 8.23 1.19
CA SER D 2 -20.47 8.48 0.91
C SER D 2 -20.13 8.03 -0.51
N VAL D 3 -19.29 8.80 -1.18
CA VAL D 3 -19.07 8.60 -2.62
C VAL D 3 -17.59 8.36 -2.91
N PHE D 4 -17.33 7.48 -3.86
CA PHE D 4 -15.95 7.17 -4.21
C PHE D 4 -15.81 7.10 -5.72
N LEU D 5 -14.77 7.73 -6.26
CA LEU D 5 -14.64 7.97 -7.69
C LEU D 5 -13.36 7.28 -8.19
N PHE D 6 -13.52 6.17 -8.89
CA PHE D 6 -12.31 5.50 -9.31
C PHE D 6 -12.01 5.84 -10.76
N PRO D 7 -10.73 5.88 -11.09
CA PRO D 7 -10.33 6.21 -12.44
C PRO D 7 -10.47 5.03 -13.40
N PRO D 8 -10.16 5.21 -14.66
CA PRO D 8 -10.09 4.05 -15.56
C PRO D 8 -8.80 3.28 -15.36
N LYS D 9 -8.86 2.00 -15.67
CA LYS D 9 -7.64 1.20 -15.65
C LYS D 9 -6.66 1.73 -16.70
N PRO D 10 -5.39 1.92 -16.36
CA PRO D 10 -4.36 2.22 -17.37
C PRO D 10 -4.38 1.28 -18.57
N LYS D 11 -4.58 -0.03 -18.33
CA LYS D 11 -4.64 -0.99 -19.42
C LYS D 11 -5.67 -0.58 -20.48
N ASP D 12 -6.85 -0.13 -20.04
CA ASP D 12 -7.88 0.31 -20.98
C ASP D 12 -7.46 1.58 -21.72
N THR D 13 -6.93 2.57 -21.00
CA THR D 13 -6.67 3.86 -21.63
C THR D 13 -5.40 3.86 -22.46
N LEU D 14 -4.53 2.86 -22.30
CA LEU D 14 -3.40 2.73 -23.21
C LEU D 14 -3.62 1.73 -24.35
N MET D 15 -4.63 0.87 -24.29
CA MET D 15 -4.88 -0.07 -25.38
C MET D 15 -5.95 0.39 -26.36
N ILE D 16 -7.01 1.07 -25.90
CA ILE D 16 -8.13 1.54 -26.71
C ILE D 16 -8.84 0.38 -27.42
N SER D 17 -8.13 -0.72 -27.64
CA SER D 17 -8.78 -1.99 -27.92
C SER D 17 -9.81 -2.31 -26.85
N ARG D 18 -9.47 -2.03 -25.59
CA ARG D 18 -10.37 -2.10 -24.45
C ARG D 18 -10.99 -0.71 -24.18
N THR D 19 -12.16 -0.72 -23.52
CA THR D 19 -12.98 0.47 -23.39
C THR D 19 -12.91 1.13 -22.01
N PRO D 20 -12.23 2.27 -21.86
CA PRO D 20 -12.00 2.84 -20.53
C PRO D 20 -13.25 3.40 -19.88
N GLU D 21 -13.32 3.33 -18.55
CA GLU D 21 -14.46 3.95 -17.89
C GLU D 21 -14.12 4.49 -16.50
N VAL D 22 -14.73 5.62 -16.14
CA VAL D 22 -14.58 6.24 -14.83
C VAL D 22 -15.79 5.92 -13.97
N THR D 23 -15.56 5.25 -12.85
CA THR D 23 -16.63 4.66 -12.04
C THR D 23 -16.87 5.50 -10.79
N CYS D 24 -18.13 5.84 -10.55
CA CYS D 24 -18.55 6.59 -9.38
C CYS D 24 -19.37 5.65 -8.50
N VAL D 25 -18.86 5.34 -7.31
CA VAL D 25 -19.53 4.43 -6.37
C VAL D 25 -20.08 5.25 -5.21
N VAL D 26 -21.29 4.91 -4.78
CA VAL D 26 -21.89 5.46 -3.57
C VAL D 26 -22.38 4.31 -2.70
N VAL D 27 -22.04 4.36 -1.41
CA VAL D 27 -22.46 3.39 -0.42
C VAL D 27 -23.12 4.14 0.72
N ASP D 28 -23.87 3.38 1.55
CA ASP D 28 -24.57 3.87 2.75
C ASP D 28 -25.84 4.65 2.39
N VAL D 29 -26.65 4.05 1.53
CA VAL D 29 -27.82 4.78 1.04
C VAL D 29 -29.10 4.05 1.40
N SER D 30 -29.40 3.96 2.69
CA SER D 30 -30.45 3.04 3.08
C SER D 30 -30.80 3.23 4.54
N HIS D 31 -32.05 2.89 4.89
CA HIS D 31 -33.05 2.60 3.86
C HIS D 31 -33.69 3.93 3.50
N GLU D 32 -34.76 4.29 4.19
CA GLU D 32 -35.33 5.64 4.19
C GLU D 32 -35.51 6.23 2.79
N ASP D 33 -34.42 6.68 2.16
CA ASP D 33 -34.47 7.19 0.79
C ASP D 33 -33.46 6.49 -0.10
N PRO D 34 -33.87 5.60 -1.00
CA PRO D 34 -32.92 4.84 -1.80
C PRO D 34 -32.66 5.46 -3.16
N GLU D 35 -32.85 6.77 -3.25
CA GLU D 35 -32.92 7.49 -4.51
C GLU D 35 -31.63 8.28 -4.68
N VAL D 36 -30.84 7.94 -5.68
CA VAL D 36 -29.59 8.63 -5.96
C VAL D 36 -29.65 9.22 -7.36
N LYS D 37 -29.07 10.41 -7.53
CA LYS D 37 -29.06 11.12 -8.79
C LYS D 37 -27.63 11.55 -9.06
N PHE D 38 -26.97 10.89 -10.01
CA PHE D 38 -25.65 11.30 -10.42
C PHE D 38 -25.78 12.36 -11.51
N ASN D 39 -24.92 13.37 -11.45
CA ASN D 39 -24.73 14.31 -12.56
C ASN D 39 -23.25 14.33 -12.91
N TRP D 40 -22.96 14.20 -14.20
CA TRP D 40 -21.60 14.05 -14.66
C TRP D 40 -21.19 15.28 -15.45
N TYR D 41 -19.96 15.70 -15.24
CA TYR D 41 -19.42 16.89 -15.88
C TYR D 41 -18.00 16.57 -16.31
N VAL D 42 -17.76 16.54 -17.64
CA VAL D 42 -16.41 16.31 -18.17
C VAL D 42 -15.84 17.68 -18.53
N ASP D 43 -14.63 17.95 -18.07
CA ASP D 43 -14.00 19.25 -18.20
C ASP D 43 -14.88 20.44 -17.81
N GLY D 44 -15.98 20.19 -17.10
CA GLY D 44 -16.84 21.27 -16.63
C GLY D 44 -18.20 21.36 -17.29
N VAL D 45 -18.40 20.65 -18.38
CA VAL D 45 -19.66 20.62 -19.12
C VAL D 45 -20.39 19.35 -18.70
N GLU D 46 -21.63 19.53 -18.24
CA GLU D 46 -22.46 18.39 -17.86
C GLU D 46 -22.68 17.48 -19.08
N VAL D 47 -22.92 16.20 -18.82
CA VAL D 47 -22.97 15.19 -19.87
C VAL D 47 -23.94 14.13 -19.40
N HIS D 48 -24.52 13.38 -20.35
CA HIS D 48 -25.61 12.50 -19.95
C HIS D 48 -25.45 11.10 -20.50
N ASN D 49 -24.22 10.66 -20.72
CA ASN D 49 -23.95 9.39 -21.36
C ASN D 49 -23.68 8.28 -20.35
N ALA D 50 -23.87 8.55 -19.05
CA ALA D 50 -23.56 7.59 -18.00
C ALA D 50 -24.72 6.63 -17.82
N LYS D 51 -24.50 5.34 -18.05
CA LYS D 51 -25.50 4.32 -17.77
C LYS D 51 -25.29 3.84 -16.32
N THR D 52 -26.32 3.98 -15.49
CA THR D 52 -26.23 3.71 -14.05
C THR D 52 -26.64 2.28 -13.73
N LYS D 53 -25.83 1.59 -12.95
CA LYS D 53 -26.11 0.21 -12.61
C LYS D 53 -27.27 0.13 -11.61
N PRO D 54 -27.86 -1.06 -11.43
CA PRO D 54 -28.94 -1.18 -10.43
C PRO D 54 -28.37 -1.30 -9.03
N ARG D 55 -29.13 -0.80 -8.06
CA ARG D 55 -28.63 -0.78 -6.70
C ARG D 55 -28.53 -2.21 -6.16
N GLU D 56 -27.72 -2.36 -5.13
CA GLU D 56 -27.31 -3.68 -4.67
C GLU D 56 -27.13 -3.58 -3.16
N GLU D 57 -27.86 -4.40 -2.40
CA GLU D 57 -27.71 -4.41 -0.96
C GLU D 57 -26.63 -5.40 -0.59
N GLN D 58 -26.02 -5.20 0.57
CA GLN D 58 -25.01 -6.09 1.11
C GLN D 58 -25.30 -6.32 2.59
N TYR D 59 -24.51 -7.20 3.21
CA TYR D 59 -24.78 -7.60 4.59
C TYR D 59 -24.65 -6.43 5.54
N ASN D 60 -24.27 -5.26 5.04
CA ASN D 60 -24.35 -4.06 5.85
C ASN D 60 -25.79 -3.55 5.96
N SER D 61 -26.76 -4.25 5.35
CA SER D 61 -28.17 -3.86 5.36
C SER D 61 -28.38 -2.45 4.80
N THR D 62 -27.46 -2.04 3.91
CA THR D 62 -27.49 -0.77 3.21
C THR D 62 -27.25 -0.99 1.71
N TYR D 63 -27.46 0.06 0.93
CA TYR D 63 -27.34 -0.01 -0.51
C TYR D 63 -25.96 0.48 -0.98
N ARG D 64 -25.53 -0.01 -2.15
CA ARG D 64 -24.34 0.52 -2.83
C ARG D 64 -24.64 0.54 -4.33
N VAL D 65 -25.03 1.71 -4.83
CA VAL D 65 -25.40 1.89 -6.24
C VAL D 65 -24.28 2.53 -7.05
N VAL D 66 -23.98 1.95 -8.22
CA VAL D 66 -22.85 2.38 -9.04
C VAL D 66 -23.31 3.04 -10.35
N SER D 67 -22.66 4.13 -10.70
CA SER D 67 -22.76 4.71 -12.04
C SER D 67 -21.40 4.61 -12.72
N VAL D 68 -21.40 4.20 -13.99
CA VAL D 68 -20.17 4.11 -14.77
C VAL D 68 -20.31 5.03 -15.96
N LEU D 69 -19.20 5.67 -16.37
CA LEU D 69 -19.16 6.62 -17.48
C LEU D 69 -18.02 6.30 -18.44
N THR D 70 -18.32 6.38 -19.74
CA THR D 70 -17.36 6.06 -20.80
C THR D 70 -16.40 7.21 -21.02
N VAL D 71 -15.15 6.88 -21.36
CA VAL D 71 -14.15 7.88 -21.68
C VAL D 71 -14.03 7.99 -23.20
N LEU D 72 -14.36 9.18 -23.70
CA LEU D 72 -14.26 9.49 -25.13
C LEU D 72 -12.80 9.59 -25.53
N HIS D 73 -12.31 8.62 -26.29
CA HIS D 73 -10.99 8.69 -26.91
C HIS D 73 -9.92 8.93 -25.85
N GLN D 74 -9.01 9.91 -26.05
CA GLN D 74 -7.85 10.15 -25.21
C GLN D 74 -8.12 11.16 -24.12
N ASP D 75 -9.40 11.34 -23.77
CA ASP D 75 -9.80 12.39 -22.84
C ASP D 75 -9.06 12.29 -21.52
N TRP D 76 -8.93 11.07 -20.99
CA TRP D 76 -8.16 10.89 -19.75
C TRP D 76 -6.73 11.36 -19.95
N LEU D 77 -6.03 10.81 -20.95
CA LEU D 77 -4.68 11.24 -21.28
C LEU D 77 -4.59 12.74 -21.54
N ASN D 78 -5.56 13.29 -22.31
CA ASN D 78 -5.57 14.71 -22.63
C ASN D 78 -5.84 15.62 -21.46
N GLY D 79 -6.19 15.06 -20.30
CA GLY D 79 -6.31 15.81 -19.06
C GLY D 79 -7.71 16.26 -18.70
N LYS D 80 -8.72 15.83 -19.46
CA LYS D 80 -10.12 16.04 -19.08
C LYS D 80 -10.31 15.77 -17.60
N GLU D 81 -11.16 16.57 -16.98
CA GLU D 81 -11.45 16.44 -15.56
C GLU D 81 -12.87 15.92 -15.43
N TYR D 82 -13.05 14.88 -14.63
CA TYR D 82 -14.34 14.21 -14.50
C TYR D 82 -14.87 14.44 -13.09
N LYS D 83 -16.11 14.92 -13.00
CA LYS D 83 -16.73 15.28 -11.73
C LYS D 83 -18.04 14.51 -11.58
N CYS D 84 -18.23 13.97 -10.38
CA CYS D 84 -19.43 13.22 -10.02
C CYS D 84 -20.19 13.98 -8.94
N LYS D 85 -21.52 14.11 -9.09
CA LYS D 85 -22.32 14.81 -8.08
C LYS D 85 -23.54 14.00 -7.66
N VAL D 86 -23.59 13.54 -6.42
CA VAL D 86 -24.70 12.71 -5.98
C VAL D 86 -25.66 13.53 -5.13
N SER D 87 -26.96 13.33 -5.39
CA SER D 87 -28.04 13.96 -4.66
C SER D 87 -28.89 12.86 -4.08
N ASN D 88 -28.97 12.83 -2.75
CA ASN D 88 -29.85 11.90 -2.05
C ASN D 88 -30.57 12.66 -0.95
N LYS D 89 -31.71 12.11 -0.53
CA LYS D 89 -32.48 12.79 0.50
C LYS D 89 -31.73 12.80 1.84
N ALA D 90 -30.84 11.83 2.07
CA ALA D 90 -30.24 11.62 3.39
C ALA D 90 -29.04 12.55 3.69
N LEU D 91 -28.94 13.71 3.04
CA LEU D 91 -27.82 14.63 3.26
C LEU D 91 -28.27 16.04 2.92
N PRO D 92 -27.63 17.07 3.53
CA PRO D 92 -27.97 18.47 3.21
C PRO D 92 -27.86 18.86 1.73
N ALA D 93 -26.63 19.16 1.27
CA ALA D 93 -26.32 19.49 -0.11
C ALA D 93 -25.83 18.25 -0.87
N PRO D 94 -25.92 18.24 -2.22
CA PRO D 94 -25.40 17.09 -2.95
C PRO D 94 -23.89 16.98 -2.76
N ILE D 95 -23.38 15.77 -2.90
CA ILE D 95 -21.93 15.52 -2.79
C ILE D 95 -21.30 15.64 -4.16
N GLU D 96 -20.10 16.21 -4.21
CA GLU D 96 -19.33 16.37 -5.44
C GLU D 96 -17.93 15.79 -5.26
N LYS D 97 -17.34 15.32 -6.36
CA LYS D 97 -15.97 14.81 -6.35
C LYS D 97 -15.47 14.87 -7.78
N THR D 98 -14.27 15.41 -8.00
CA THR D 98 -13.66 15.38 -9.32
C THR D 98 -12.45 14.46 -9.31
N ILE D 99 -12.24 13.74 -10.40
CA ILE D 99 -11.07 12.90 -10.59
C ILE D 99 -10.49 13.32 -11.92
N SER D 100 -9.17 13.20 -12.06
CA SER D 100 -8.47 13.64 -13.27
C SER D 100 -7.06 13.04 -13.24
N LYS D 101 -6.50 12.81 -14.43
CA LYS D 101 -5.13 12.32 -14.50
C LYS D 101 -4.17 13.29 -13.82
N ALA D 102 -3.15 12.73 -13.19
CA ALA D 102 -2.25 13.52 -12.36
C ALA D 102 -1.53 14.56 -13.18
N LYS D 103 -1.46 15.79 -12.65
CA LYS D 103 -0.77 16.87 -13.34
C LYS D 103 0.74 16.76 -13.10
N GLY D 104 1.50 17.27 -14.05
CA GLY D 104 2.95 17.13 -14.06
C GLY D 104 3.36 16.77 -15.48
N GLN D 105 4.58 17.07 -15.81
CA GLN D 105 5.02 16.81 -17.19
C GLN D 105 5.30 15.33 -17.39
N PRO D 106 4.84 14.73 -18.49
CA PRO D 106 5.07 13.29 -18.69
C PRO D 106 6.53 12.98 -18.98
N ARG D 107 7.00 11.86 -18.42
CA ARG D 107 8.38 11.41 -18.61
C ARG D 107 8.40 9.96 -19.08
N GLU D 108 9.26 9.63 -20.03
CA GLU D 108 9.32 8.29 -20.64
C GLU D 108 9.93 7.27 -19.67
N PRO D 109 9.29 6.12 -19.48
CA PRO D 109 9.92 5.08 -18.63
C PRO D 109 11.13 4.46 -19.30
N GLN D 110 12.11 4.13 -18.49
CA GLN D 110 13.21 3.30 -18.94
C GLN D 110 12.93 1.86 -18.52
N VAL D 111 13.22 0.92 -19.42
CA VAL D 111 12.80 -0.46 -19.25
C VAL D 111 14.01 -1.36 -19.38
N TYR D 112 14.30 -2.12 -18.33
CA TYR D 112 15.50 -2.95 -18.23
C TYR D 112 15.17 -4.30 -17.62
N THR D 113 15.42 -5.38 -18.34
CA THR D 113 15.20 -6.72 -17.83
C THR D 113 16.45 -7.26 -17.15
N LEU D 114 16.22 -8.08 -16.12
CA LEU D 114 17.35 -8.53 -15.35
C LEU D 114 17.29 -10.05 -15.20
N PRO D 115 18.37 -10.76 -15.48
CA PRO D 115 18.35 -12.21 -15.43
C PRO D 115 18.51 -12.68 -13.99
N PRO D 116 18.30 -13.97 -13.71
CA PRO D 116 18.25 -14.42 -12.32
C PRO D 116 19.61 -14.43 -11.63
N SER D 117 19.58 -14.10 -10.35
CA SER D 117 20.77 -14.23 -9.53
C SER D 117 21.36 -15.61 -9.71
N ARG D 118 22.69 -15.69 -9.68
CA ARG D 118 23.34 -16.99 -9.80
C ARG D 118 22.89 -17.93 -8.68
N ASP D 119 22.74 -17.40 -7.46
CA ASP D 119 22.25 -18.24 -6.38
C ASP D 119 20.81 -18.67 -6.60
N GLU D 120 20.10 -18.05 -7.54
CA GLU D 120 18.77 -18.53 -7.83
C GLU D 120 18.78 -19.64 -8.87
N LEU D 121 19.88 -19.79 -9.65
CA LEU D 121 19.92 -20.93 -10.55
C LEU D 121 20.23 -22.25 -9.82
N THR D 122 20.28 -22.24 -8.48
CA THR D 122 20.35 -23.46 -7.71
C THR D 122 18.98 -23.90 -7.21
N LYS D 123 17.93 -23.59 -7.97
CA LYS D 123 16.55 -23.81 -7.53
C LYS D 123 15.75 -24.36 -8.70
N ASN D 124 14.50 -24.77 -8.41
CA ASN D 124 13.68 -25.33 -9.48
C ASN D 124 13.12 -24.23 -10.38
N GLN D 125 12.90 -23.05 -9.82
CA GLN D 125 12.25 -21.97 -10.55
C GLN D 125 13.02 -20.67 -10.30
N VAL D 126 13.23 -19.93 -11.38
CA VAL D 126 13.98 -18.69 -11.35
C VAL D 126 13.04 -17.51 -11.56
N SER D 127 13.58 -16.32 -11.28
CA SER D 127 12.84 -15.06 -11.41
C SER D 127 13.45 -14.19 -12.51
N LEU D 128 12.65 -13.83 -13.49
CA LEU D 128 13.06 -12.80 -14.43
C LEU D 128 12.38 -11.49 -14.04
N THR D 129 13.17 -10.46 -13.78
CA THR D 129 12.65 -9.24 -13.21
C THR D 129 12.67 -8.13 -14.26
N CYS D 130 11.65 -7.29 -14.26
CA CYS D 130 11.61 -6.15 -15.14
C CYS D 130 11.69 -4.87 -14.31
N LEU D 131 12.63 -3.99 -14.67
CA LEU D 131 12.80 -2.71 -14.01
C LEU D 131 12.26 -1.63 -14.91
N VAL D 132 11.21 -0.94 -14.45
CA VAL D 132 10.67 0.20 -15.17
C VAL D 132 10.93 1.42 -14.30
N LYS D 133 11.76 2.33 -14.78
CA LYS D 133 12.09 3.48 -13.95
C LYS D 133 11.95 4.77 -14.75
N GLY D 134 11.51 5.82 -14.06
CA GLY D 134 11.59 7.17 -14.57
C GLY D 134 10.38 7.63 -15.34
N PHE D 135 9.19 7.10 -15.03
CA PHE D 135 7.98 7.47 -15.76
C PHE D 135 7.14 8.42 -14.91
N TYR D 136 6.32 9.23 -15.62
CA TYR D 136 5.32 10.06 -14.98
C TYR D 136 4.19 10.25 -15.98
N PRO D 137 2.89 10.22 -15.56
CA PRO D 137 2.40 9.91 -14.21
C PRO D 137 2.54 8.40 -13.89
N SER D 138 1.83 7.95 -12.86
CA SER D 138 1.90 6.54 -12.52
C SER D 138 1.10 5.66 -13.45
N ASP D 139 0.20 6.21 -14.26
CA ASP D 139 -0.66 5.38 -15.09
C ASP D 139 0.16 4.48 -16.01
N ILE D 140 0.24 3.17 -15.73
CA ILE D 140 1.14 2.31 -16.52
C ILE D 140 0.62 0.89 -16.48
N ALA D 141 1.01 0.10 -17.50
CA ALA D 141 0.59 -1.30 -17.61
C ALA D 141 1.77 -2.15 -18.10
N VAL D 142 2.02 -3.26 -17.40
CA VAL D 142 3.19 -4.11 -17.61
C VAL D 142 2.75 -5.55 -17.80
N GLU D 143 3.29 -6.21 -18.82
CA GLU D 143 2.92 -7.58 -19.14
C GLU D 143 4.17 -8.32 -19.58
N TRP D 144 4.08 -9.65 -19.56
CA TRP D 144 5.18 -10.51 -20.00
C TRP D 144 4.73 -11.41 -21.14
N GLU D 145 5.66 -11.75 -22.05
CA GLU D 145 5.37 -12.74 -23.06
C GLU D 145 6.64 -13.49 -23.45
N SER D 146 6.48 -14.75 -23.89
CA SER D 146 7.61 -15.61 -24.25
C SER D 146 7.86 -15.58 -25.75
N ASN D 147 7.16 -16.43 -26.50
CA ASN D 147 7.44 -16.61 -27.92
C ASN D 147 6.35 -16.02 -28.81
N GLY D 148 5.87 -14.83 -28.45
CA GLY D 148 4.78 -14.24 -29.19
C GLY D 148 3.51 -14.35 -28.37
N GLN D 149 3.28 -15.53 -27.78
CA GLN D 149 2.14 -15.75 -26.90
C GLN D 149 2.52 -15.41 -25.47
N PRO D 150 1.54 -15.14 -24.60
CA PRO D 150 1.83 -14.50 -23.32
C PRO D 150 2.11 -15.48 -22.19
N GLU D 151 2.86 -14.99 -21.21
CA GLU D 151 3.12 -15.72 -19.97
C GLU D 151 2.19 -15.17 -18.91
N ASN D 152 1.62 -16.05 -18.11
CA ASN D 152 0.64 -15.56 -17.15
C ASN D 152 0.98 -16.01 -15.74
N ASN D 153 2.16 -15.63 -15.27
CA ASN D 153 2.65 -16.11 -13.97
C ASN D 153 3.60 -15.08 -13.36
N TYR D 154 3.23 -13.81 -13.40
CA TYR D 154 4.07 -12.74 -12.90
C TYR D 154 3.26 -11.91 -11.91
N LYS D 155 3.94 -11.28 -10.97
CA LYS D 155 3.28 -10.31 -10.14
C LYS D 155 4.03 -9.00 -10.33
N THR D 156 3.27 -7.89 -10.37
CA THR D 156 3.87 -6.57 -10.53
C THR D 156 3.67 -5.69 -9.30
N THR D 157 4.77 -5.08 -8.90
CA THR D 157 4.82 -4.13 -7.81
C THR D 157 4.05 -2.85 -8.14
N PRO D 158 3.41 -2.22 -7.17
CA PRO D 158 2.71 -0.98 -7.47
C PRO D 158 3.73 0.13 -7.68
N PRO D 159 3.37 1.20 -8.40
CA PRO D 159 4.33 2.25 -8.72
C PRO D 159 4.81 2.90 -7.44
N VAL D 160 6.10 3.17 -7.39
CA VAL D 160 6.75 3.71 -6.21
C VAL D 160 7.32 5.08 -6.53
N LEU D 161 7.07 6.03 -5.63
CA LEU D 161 7.65 7.36 -5.72
C LEU D 161 9.15 7.33 -5.44
N ASP D 162 9.92 7.73 -6.45
CA ASP D 162 11.37 7.76 -6.43
C ASP D 162 11.86 9.10 -5.91
N SER D 163 13.19 9.18 -5.69
CA SER D 163 13.79 10.39 -5.12
C SER D 163 13.72 11.59 -6.07
N ASP D 164 13.49 11.40 -7.37
CA ASP D 164 13.39 12.56 -8.25
C ASP D 164 11.97 12.84 -8.73
N GLY D 165 10.95 12.34 -8.03
CA GLY D 165 9.58 12.64 -8.41
C GLY D 165 8.97 11.74 -9.47
N SER D 166 9.78 10.95 -10.17
CA SER D 166 9.21 10.01 -11.10
C SER D 166 8.85 8.73 -10.35
N PHE D 167 8.19 7.83 -11.07
CA PHE D 167 7.83 6.55 -10.51
C PHE D 167 8.75 5.47 -11.04
N PHE D 168 8.78 4.33 -10.34
CA PHE D 168 9.40 3.10 -10.81
C PHE D 168 8.61 1.90 -10.24
N LEU D 169 8.80 0.71 -10.82
CA LEU D 169 8.19 -0.51 -10.29
C LEU D 169 8.98 -1.71 -10.76
N TYR D 170 8.77 -2.86 -10.13
CA TYR D 170 9.32 -4.10 -10.66
C TYR D 170 8.23 -5.09 -11.03
N SER D 171 8.50 -5.89 -12.06
CA SER D 171 7.66 -7.03 -12.40
C SER D 171 8.48 -8.31 -12.37
N LYS D 172 8.08 -9.24 -11.49
CA LYS D 172 8.72 -10.55 -11.34
C LYS D 172 7.91 -11.60 -12.07
N LEU D 173 8.46 -12.12 -13.17
CA LEU D 173 7.92 -13.29 -13.85
C LEU D 173 8.65 -14.55 -13.38
N THR D 174 7.90 -15.52 -12.85
CA THR D 174 8.49 -16.79 -12.41
C THR D 174 8.33 -17.86 -13.48
N VAL D 175 9.41 -18.60 -13.74
CA VAL D 175 9.44 -19.63 -14.79
C VAL D 175 10.26 -20.82 -14.26
N ASP D 176 10.21 -21.93 -15.01
CA ASP D 176 10.97 -23.12 -14.66
C ASP D 176 12.41 -22.95 -15.12
N LYS D 177 13.35 -23.35 -14.24
CA LYS D 177 14.77 -23.15 -14.52
C LYS D 177 15.18 -23.79 -15.83
N SER D 178 14.44 -24.81 -16.25
CA SER D 178 14.69 -25.46 -17.53
C SER D 178 14.30 -24.58 -18.72
N ARG D 179 13.11 -23.95 -18.67
CA ARG D 179 12.73 -23.05 -19.76
C ARG D 179 13.74 -21.94 -19.91
N TRP D 180 14.18 -21.38 -18.79
CA TRP D 180 15.21 -20.35 -18.83
C TRP D 180 16.47 -20.90 -19.49
N GLN D 181 16.90 -22.09 -19.04
CA GLN D 181 18.17 -22.69 -19.47
C GLN D 181 18.14 -23.21 -20.91
N GLN D 182 17.01 -23.74 -21.36
CA GLN D 182 16.88 -24.14 -22.77
C GLN D 182 17.08 -22.96 -23.71
N GLY D 183 17.02 -21.73 -23.21
CA GLY D 183 17.31 -20.58 -24.03
C GLY D 183 16.10 -19.93 -24.64
N ASN D 184 14.91 -20.15 -24.08
CA ASN D 184 13.73 -19.41 -24.52
C ASN D 184 13.92 -17.91 -24.26
N VAL D 185 13.32 -17.10 -25.12
CA VAL D 185 13.41 -15.65 -25.03
C VAL D 185 12.09 -15.10 -24.50
N PHE D 186 12.14 -14.47 -23.34
CA PHE D 186 11.00 -13.82 -22.72
C PHE D 186 11.03 -12.31 -22.91
N SER D 187 9.86 -11.69 -22.75
CA SER D 187 9.73 -10.26 -23.02
C SER D 187 8.90 -9.60 -21.92
N CYS D 188 9.25 -8.36 -21.64
CA CYS D 188 8.52 -7.52 -20.70
C CYS D 188 7.91 -6.40 -21.54
N SER D 189 6.61 -6.45 -21.81
CA SER D 189 6.00 -5.38 -22.57
C SER D 189 5.44 -4.30 -21.63
N VAL D 190 5.56 -3.04 -22.06
CA VAL D 190 5.20 -1.89 -21.25
C VAL D 190 4.35 -0.90 -22.04
N MET D 191 3.21 -0.52 -21.46
CA MET D 191 2.29 0.43 -22.09
C MET D 191 2.18 1.68 -21.21
N HIS D 192 2.51 2.85 -21.80
CA HIS D 192 2.56 4.12 -21.08
C HIS D 192 2.30 5.27 -22.05
N GLU D 193 1.89 6.44 -21.53
CA GLU D 193 1.55 7.55 -22.42
C GLU D 193 2.77 8.25 -23.03
N ALA D 194 3.87 8.35 -22.30
CA ALA D 194 5.08 8.98 -22.82
C ALA D 194 5.92 8.03 -23.65
N LEU D 195 5.34 7.00 -24.25
CA LEU D 195 6.04 6.07 -25.12
C LEU D 195 5.55 6.27 -26.54
N HIS D 196 6.48 6.18 -27.51
CA HIS D 196 6.12 6.08 -28.92
C HIS D 196 5.15 4.93 -29.12
N ASN D 197 3.99 5.21 -29.72
CA ASN D 197 2.93 4.22 -29.90
C ASN D 197 2.47 3.63 -28.57
N HIS D 198 2.72 4.36 -27.48
CA HIS D 198 2.39 3.92 -26.11
C HIS D 198 2.87 2.49 -25.82
N TYR D 199 4.01 2.12 -26.40
CA TYR D 199 4.48 0.74 -26.23
C TYR D 199 6.00 0.69 -26.29
N THR D 200 6.55 -0.27 -25.55
CA THR D 200 7.95 -0.66 -25.65
C THR D 200 7.99 -2.12 -25.21
N GLN D 201 9.00 -2.87 -25.67
CA GLN D 201 9.10 -4.29 -25.34
C GLN D 201 10.57 -4.66 -25.24
N LYS D 202 10.99 -5.12 -24.08
CA LYS D 202 12.38 -5.50 -23.85
C LYS D 202 12.46 -7.00 -23.60
N SER D 203 13.50 -7.64 -24.15
CA SER D 203 13.61 -9.09 -24.03
C SER D 203 14.89 -9.49 -23.32
N LEU D 204 14.82 -10.66 -22.65
CA LEU D 204 15.94 -11.29 -21.96
C LEU D 204 15.91 -12.81 -22.20
N SER D 205 17.10 -13.39 -22.36
CA SER D 205 17.33 -14.83 -22.49
C SER D 205 18.84 -14.97 -22.43
N LEU D 206 19.32 -16.20 -22.28
CA LEU D 206 20.75 -16.44 -22.19
C LEU D 206 21.28 -16.92 -23.55
N SER D 207 22.37 -16.32 -24.02
CA SER D 207 23.08 -16.86 -25.17
C SER D 207 24.54 -17.05 -24.80
N PRO D 208 25.06 -18.29 -24.79
CA PRO D 208 26.47 -18.65 -24.54
C PRO D 208 27.45 -18.20 -25.66
#